data_8DKF
#
_entry.id   8DKF
#
_cell.length_a   81.190
_cell.length_b   103.120
_cell.length_c   109.846
_cell.angle_alpha   90.000
_cell.angle_beta   90.000
_cell.angle_gamma   90.000
#
_symmetry.space_group_name_H-M   'P 21 21 21'
#
loop_
_entity.id
_entity.type
_entity.pdbx_description
1 polymer 'DH1030.1 Heavy chain'
2 polymer 'DH1030.1 Light chain'
3 water water
#
loop_
_entity_poly.entity_id
_entity_poly.type
_entity_poly.pdbx_seq_one_letter_code
_entity_poly.pdbx_strand_id
1 'polypeptide(L)'
;EVQLAESGGGLTKPGGSLRLSCAASGFTFSDFYMDWVRQTPGKGLEWVSRINNDGRNKWYADSVRGRFTVSRENAKNTLY
LQMDSLRAEDTAVYYCARDRPVYRYWSGGYHLDPWGQGVVVTVSSASTKGPSVFPLAPSSRSTSESTAALGCLVKDYFPE
PVTVSWNSGSLTSGVHTFPAVLQSSGLYSLSSVVTVPSSSLGTQTYVCNVNHKPSNTKVDKRVEIKTCGG
;
H,A
2 'polypeptide(L)'
;YVVMTQSPLSLPITPGQPASISCRSSQRLLHSDGNTYLAWYQQRPGQPPRRLIYEVSKLDSGVPDRFSGSGAGTDFTLKI
SRVEAEDVGVYYCGQNTYLPYSFGQGSKVEIKRAVAAPSVFIFPPSEDQVKSGTVSVVCLLNNFYPREASVKWKVDGVLK
TGNSQESVTEQDSKDNTYSLSSTLTLSNTDYQSHNVYACEVTHQGLSSPVTKSFNRGEC
;
L,B
#
# COMPACT_ATOMS: atom_id res chain seq x y z
N GLU A 1 -28.33 2.37 -31.46
CA GLU A 1 -28.94 1.02 -31.68
C GLU A 1 -27.89 -0.07 -31.87
N VAL A 2 -26.76 0.28 -32.48
CA VAL A 2 -25.63 -0.64 -32.54
C VAL A 2 -25.13 -0.82 -31.10
N GLN A 3 -25.28 -2.03 -30.55
CA GLN A 3 -24.95 -2.28 -29.16
C GLN A 3 -24.19 -3.59 -29.03
N LEU A 4 -23.25 -3.62 -28.09
CA LEU A 4 -22.55 -4.82 -27.68
C LEU A 4 -22.73 -4.95 -26.17
N ALA A 5 -23.36 -6.05 -25.74
CA ALA A 5 -23.74 -6.25 -24.34
C ALA A 5 -22.94 -7.41 -23.78
N GLU A 6 -22.03 -7.11 -22.85
CA GLU A 6 -21.11 -8.10 -22.32
C GLU A 6 -21.64 -8.71 -21.03
N SER A 7 -21.29 -9.97 -20.81
CA SER A 7 -21.68 -10.66 -19.59
C SER A 7 -20.63 -11.72 -19.28
N GLY A 8 -20.70 -12.23 -18.05
CA GLY A 8 -19.85 -13.32 -17.64
C GLY A 8 -18.63 -12.95 -16.84
N GLY A 9 -18.54 -11.73 -16.33
CA GLY A 9 -17.43 -11.37 -15.48
C GLY A 9 -17.47 -12.10 -14.15
N GLY A 10 -16.53 -11.76 -13.28
CA GLY A 10 -16.57 -12.22 -11.92
C GLY A 10 -15.23 -12.73 -11.44
N LEU A 11 -15.28 -13.46 -10.33
CA LEU A 11 -14.10 -13.92 -9.62
C LEU A 11 -13.87 -15.40 -9.85
N THR A 12 -12.61 -15.76 -10.09
CA THR A 12 -12.20 -17.16 -10.20
C THR A 12 -10.85 -17.33 -9.53
N LYS A 13 -10.56 -18.56 -9.12
CA LYS A 13 -9.27 -18.85 -8.52
C LYS A 13 -8.22 -19.04 -9.61
N PRO A 14 -6.95 -18.76 -9.31
CA PRO A 14 -5.89 -19.04 -10.30
C PRO A 14 -5.97 -20.47 -10.77
N GLY A 15 -5.80 -20.66 -12.07
CA GLY A 15 -5.95 -21.95 -12.70
C GLY A 15 -7.35 -22.27 -13.17
N GLY A 16 -8.34 -21.51 -12.70
CA GLY A 16 -9.72 -21.77 -13.06
C GLY A 16 -10.05 -21.33 -14.47
N SER A 17 -11.34 -21.35 -14.77
CA SER A 17 -11.86 -21.04 -16.09
C SER A 17 -13.05 -20.10 -15.97
N LEU A 18 -13.21 -19.25 -16.97
CA LEU A 18 -14.30 -18.28 -17.02
C LEU A 18 -14.66 -18.12 -18.49
N ARG A 19 -15.92 -17.78 -18.76
CA ARG A 19 -16.38 -17.60 -20.12
C ARG A 19 -17.10 -16.28 -20.26
N LEU A 20 -16.55 -15.38 -21.06
CA LEU A 20 -17.18 -14.09 -21.34
C LEU A 20 -18.08 -14.19 -22.56
N SER A 21 -19.14 -13.40 -22.54
CA SER A 21 -20.12 -13.32 -23.62
C SER A 21 -20.23 -11.87 -24.08
N CYS A 22 -20.55 -11.69 -25.37
CA CYS A 22 -20.72 -10.36 -25.96
C CYS A 22 -21.88 -10.50 -26.94
N ALA A 23 -23.06 -9.98 -26.56
CA ALA A 23 -24.25 -10.08 -27.39
C ALA A 23 -24.40 -8.82 -28.24
N ALA A 24 -24.55 -9.01 -29.54
CA ALA A 24 -24.62 -7.91 -30.48
C ALA A 24 -26.04 -7.73 -30.98
N SER A 25 -26.39 -6.46 -31.25
CA SER A 25 -27.68 -6.14 -31.85
C SER A 25 -27.54 -4.85 -32.61
N GLY A 26 -28.45 -4.64 -33.56
CA GLY A 26 -28.46 -3.43 -34.36
C GLY A 26 -27.64 -3.49 -35.63
N PHE A 27 -27.00 -4.63 -35.92
CA PHE A 27 -26.25 -4.80 -37.16
C PHE A 27 -26.17 -6.28 -37.47
N THR A 28 -25.76 -6.59 -38.69
CA THR A 28 -25.60 -7.98 -39.12
C THR A 28 -24.27 -8.48 -38.55
N PHE A 29 -24.37 -9.24 -37.46
CA PHE A 29 -23.20 -9.68 -36.71
C PHE A 29 -22.26 -10.51 -37.57
N SER A 30 -22.82 -11.38 -38.41
CA SER A 30 -22.01 -12.26 -39.24
C SER A 30 -21.22 -11.52 -40.31
N ASP A 31 -21.35 -10.20 -40.41
CA ASP A 31 -20.62 -9.42 -41.41
C ASP A 31 -19.33 -8.82 -40.89
N PHE A 32 -19.03 -8.97 -39.59
CA PHE A 32 -17.92 -8.25 -38.99
C PHE A 32 -16.97 -9.19 -38.25
N TYR A 33 -15.67 -8.92 -38.39
CA TYR A 33 -14.70 -9.41 -37.43
C TYR A 33 -15.00 -8.79 -36.05
N MET A 34 -14.56 -9.47 -35.00
CA MET A 34 -14.74 -8.96 -33.65
C MET A 34 -13.42 -9.10 -32.89
N ASP A 35 -13.29 -8.33 -31.80
CA ASP A 35 -12.10 -8.41 -30.97
C ASP A 35 -12.47 -8.40 -29.48
N TRP A 36 -11.53 -8.90 -28.68
CA TRP A 36 -11.49 -8.67 -27.25
C TRP A 36 -10.25 -7.85 -26.93
N VAL A 37 -10.45 -6.85 -26.07
CA VAL A 37 -9.41 -5.96 -25.55
C VAL A 37 -9.57 -5.90 -24.04
N ARG A 38 -8.45 -5.89 -23.32
CA ARG A 38 -8.53 -5.74 -21.86
C ARG A 38 -7.77 -4.50 -21.38
N GLN A 39 -8.06 -4.10 -20.15
CA GLN A 39 -7.49 -2.88 -19.59
C GLN A 39 -7.19 -3.07 -18.11
N THR A 40 -5.98 -2.68 -17.70
CA THR A 40 -5.59 -2.61 -16.31
C THR A 40 -5.04 -1.22 -16.00
N PRO A 41 -5.13 -0.78 -14.75
CA PRO A 41 -4.48 0.48 -14.39
C PRO A 41 -2.98 0.47 -14.63
N GLY A 42 -2.36 -0.71 -14.65
CA GLY A 42 -0.91 -0.81 -14.79
C GLY A 42 -0.42 -0.81 -16.22
N LYS A 43 -0.94 -1.71 -17.04
CA LYS A 43 -0.46 -1.87 -18.41
C LYS A 43 -1.33 -1.18 -19.44
N GLY A 44 -2.39 -0.50 -19.02
CA GLY A 44 -3.21 0.20 -20.00
C GLY A 44 -4.06 -0.76 -20.83
N LEU A 45 -4.33 -0.36 -22.06
CA LEU A 45 -5.11 -1.18 -22.98
C LEU A 45 -4.23 -2.22 -23.66
N GLU A 46 -4.66 -3.48 -23.63
CA GLU A 46 -3.95 -4.59 -24.25
C GLU A 46 -4.93 -5.40 -25.09
N TRP A 47 -4.66 -5.49 -26.38
CA TRP A 47 -5.45 -6.34 -27.26
C TRP A 47 -5.27 -7.80 -26.87
N VAL A 48 -6.38 -8.55 -26.90
CA VAL A 48 -6.43 -9.94 -26.45
C VAL A 48 -6.61 -10.90 -27.62
N SER A 49 -7.64 -10.69 -28.43
CA SER A 49 -7.97 -11.68 -29.45
C SER A 49 -8.80 -11.04 -30.55
N ARG A 50 -8.73 -11.64 -31.74
CA ARG A 50 -9.54 -11.27 -32.90
C ARG A 50 -10.10 -12.54 -33.54
N ILE A 51 -11.30 -12.42 -34.10
CA ILE A 51 -11.94 -13.50 -34.84
C ILE A 51 -12.59 -12.92 -36.09
N ASN A 52 -12.49 -13.65 -37.20
CA ASN A 52 -13.09 -13.15 -38.44
C ASN A 52 -14.61 -13.39 -38.41
N ASN A 53 -15.27 -12.99 -39.50
CA ASN A 53 -16.72 -12.88 -39.50
C ASN A 53 -17.40 -14.25 -39.42
N ASP A 54 -16.84 -15.28 -40.07
CA ASP A 54 -17.44 -16.60 -40.01
C ASP A 54 -16.87 -17.47 -38.90
N GLY A 55 -15.89 -16.99 -38.15
CA GLY A 55 -15.36 -17.73 -37.02
C GLY A 55 -14.32 -18.76 -37.40
N ARG A 56 -13.94 -18.81 -38.66
CA ARG A 56 -12.94 -19.78 -39.11
C ARG A 56 -11.55 -19.40 -38.62
N ASN A 57 -11.21 -18.12 -38.65
CA ASN A 57 -9.85 -17.65 -38.38
C ASN A 57 -9.81 -16.84 -37.09
N LYS A 58 -8.84 -17.14 -36.24
CA LYS A 58 -8.69 -16.53 -34.93
C LYS A 58 -7.23 -16.12 -34.71
N TRP A 59 -7.06 -15.07 -33.91
CA TRP A 59 -5.75 -14.56 -33.56
C TRP A 59 -5.71 -14.23 -32.07
N TYR A 60 -4.51 -14.32 -31.48
CA TYR A 60 -4.34 -14.10 -30.06
C TYR A 60 -3.05 -13.33 -29.77
N ALA A 61 -3.09 -12.51 -28.73
CA ALA A 61 -1.88 -11.93 -28.17
C ALA A 61 -0.99 -13.02 -27.56
N ASP A 62 0.33 -12.76 -27.58
CA ASP A 62 1.27 -13.74 -27.07
C ASP A 62 0.97 -14.11 -25.62
N SER A 63 0.49 -13.14 -24.84
CA SER A 63 0.30 -13.35 -23.41
C SER A 63 -0.84 -14.30 -23.09
N VAL A 64 -1.77 -14.52 -24.02
CA VAL A 64 -2.92 -15.37 -23.76
C VAL A 64 -2.98 -16.59 -24.66
N ARG A 65 -2.12 -16.70 -25.68
CA ARG A 65 -2.22 -17.81 -26.62
C ARG A 65 -2.04 -19.14 -25.90
N GLY A 66 -2.89 -20.10 -26.24
CA GLY A 66 -2.86 -21.40 -25.60
C GLY A 66 -3.66 -21.50 -24.33
N ARG A 67 -4.12 -20.37 -23.77
CA ARG A 67 -4.96 -20.34 -22.58
C ARG A 67 -6.35 -19.79 -22.85
N PHE A 68 -6.46 -18.77 -23.70
CA PHE A 68 -7.73 -18.21 -24.10
C PHE A 68 -8.09 -18.74 -25.49
N THR A 69 -9.39 -18.91 -25.73
CA THR A 69 -9.87 -19.22 -27.07
C THR A 69 -11.13 -18.39 -27.36
N VAL A 70 -11.19 -17.85 -28.56
CA VAL A 70 -12.29 -17.00 -29.00
C VAL A 70 -13.19 -17.80 -29.93
N SER A 71 -14.48 -17.56 -29.83
CA SER A 71 -15.44 -18.23 -30.71
C SER A 71 -16.65 -17.33 -30.87
N ARG A 72 -17.54 -17.72 -31.78
CA ARG A 72 -18.76 -16.96 -31.98
C ARG A 72 -19.85 -17.90 -32.48
N GLU A 73 -21.09 -17.56 -32.15
CA GLU A 73 -22.28 -18.25 -32.65
C GLU A 73 -23.08 -17.21 -33.40
N ASN A 74 -22.93 -17.17 -34.73
CA ASN A 74 -23.55 -16.10 -35.49
C ASN A 74 -25.07 -16.19 -35.47
N ALA A 75 -25.62 -17.41 -35.32
CA ALA A 75 -27.07 -17.55 -35.23
C ALA A 75 -27.62 -16.99 -33.93
N LYS A 76 -26.79 -16.87 -32.90
CA LYS A 76 -27.17 -16.26 -31.64
C LYS A 76 -26.61 -14.85 -31.48
N ASN A 77 -25.91 -14.34 -32.49
CA ASN A 77 -25.33 -12.99 -32.46
C ASN A 77 -24.40 -12.81 -31.28
N THR A 78 -23.68 -13.86 -30.88
CA THR A 78 -22.89 -13.81 -29.64
C THR A 78 -21.43 -14.14 -29.90
N LEU A 79 -20.56 -13.33 -29.32
CA LEU A 79 -19.13 -13.54 -29.29
C LEU A 79 -18.73 -14.08 -27.93
N TYR A 80 -17.77 -14.99 -27.90
CA TYR A 80 -17.33 -15.60 -26.66
C TYR A 80 -15.82 -15.47 -26.49
N LEU A 81 -15.39 -15.41 -25.22
CA LEU A 81 -13.99 -15.57 -24.86
C LEU A 81 -13.91 -16.61 -23.76
N GLN A 82 -13.32 -17.77 -24.06
CA GLN A 82 -13.14 -18.86 -23.10
C GLN A 82 -11.75 -18.72 -22.50
N MET A 83 -11.69 -18.41 -21.21
CA MET A 83 -10.43 -18.14 -20.53
C MET A 83 -10.10 -19.31 -19.61
N ASP A 84 -9.11 -20.09 -19.99
CA ASP A 84 -8.66 -21.23 -19.19
C ASP A 84 -7.30 -20.91 -18.59
N SER A 85 -6.92 -21.70 -17.59
CA SER A 85 -5.62 -21.57 -16.93
C SER A 85 -5.38 -20.14 -16.50
N LEU A 86 -6.42 -19.54 -15.90
CA LEU A 86 -6.36 -18.13 -15.57
C LEU A 86 -5.24 -17.85 -14.58
N ARG A 87 -4.59 -16.71 -14.78
CA ARG A 87 -3.49 -16.28 -13.94
C ARG A 87 -3.87 -15.02 -13.19
N ALA A 88 -3.25 -14.84 -12.02
CA ALA A 88 -3.34 -13.59 -11.28
C ALA A 88 -3.26 -12.41 -12.21
N GLU A 89 -2.36 -12.49 -13.19
CA GLU A 89 -2.05 -11.36 -14.08
C GLU A 89 -3.12 -11.12 -15.13
N ASP A 90 -4.12 -12.00 -15.26
CA ASP A 90 -5.22 -11.78 -16.20
C ASP A 90 -6.31 -10.87 -15.65
N THR A 91 -6.23 -10.49 -14.37
CA THR A 91 -7.20 -9.57 -13.79
C THR A 91 -7.23 -8.28 -14.59
N ALA A 92 -8.44 -7.87 -15.00
CA ALA A 92 -8.60 -6.70 -15.84
C ALA A 92 -10.07 -6.48 -16.17
N VAL A 93 -10.36 -5.33 -16.77
CA VAL A 93 -11.64 -5.09 -17.42
C VAL A 93 -11.54 -5.59 -18.86
N TYR A 94 -12.49 -6.41 -19.28
CA TYR A 94 -12.50 -6.97 -20.64
C TYR A 94 -13.61 -6.32 -21.46
N TYR A 95 -13.25 -5.87 -22.66
CA TYR A 95 -14.17 -5.27 -23.61
C TYR A 95 -14.21 -6.12 -24.88
N CYS A 96 -15.38 -6.15 -25.53
CA CYS A 96 -15.45 -6.59 -26.92
C CYS A 96 -15.60 -5.35 -27.80
N ALA A 97 -15.21 -5.50 -29.06
CA ALA A 97 -15.27 -4.38 -30.01
C ALA A 97 -15.47 -4.94 -31.40
N ARG A 98 -16.20 -4.19 -32.23
CA ARG A 98 -16.49 -4.57 -33.60
C ARG A 98 -15.39 -4.08 -34.53
N ASP A 99 -15.02 -4.93 -35.50
CA ASP A 99 -13.83 -4.73 -36.31
C ASP A 99 -14.20 -4.73 -37.79
N ARG A 100 -13.44 -5.46 -38.60
CA ARG A 100 -13.52 -5.32 -40.05
C ARG A 100 -14.88 -5.74 -40.61
N PRO A 101 -15.50 -4.96 -41.47
CA PRO A 101 -16.69 -5.45 -42.20
C PRO A 101 -16.29 -6.25 -43.44
N VAL A 102 -17.15 -7.19 -43.79
CA VAL A 102 -16.92 -8.08 -44.93
C VAL A 102 -18.07 -7.92 -45.91
N TYR A 103 -17.75 -7.61 -47.16
CA TYR A 103 -18.75 -7.44 -48.20
C TYR A 103 -18.75 -8.67 -49.12
N ARG A 104 -19.47 -8.57 -50.23
CA ARG A 104 -19.62 -9.76 -51.08
C ARG A 104 -18.33 -10.09 -51.81
N TYR A 105 -17.58 -9.06 -52.22
CA TYR A 105 -16.44 -9.25 -53.10
C TYR A 105 -15.12 -8.74 -52.52
N TRP A 106 -15.14 -8.11 -51.35
CA TRP A 106 -13.93 -7.66 -50.69
C TRP A 106 -14.29 -7.36 -49.24
N SER A 107 -13.27 -6.92 -48.48
CA SER A 107 -13.45 -6.56 -47.08
C SER A 107 -12.91 -5.15 -46.84
N GLY A 108 -13.47 -4.51 -45.82
CA GLY A 108 -13.18 -3.12 -45.52
C GLY A 108 -11.97 -2.94 -44.64
N GLY A 109 -11.97 -1.83 -43.90
CA GLY A 109 -10.85 -1.47 -43.06
C GLY A 109 -10.93 -2.12 -41.70
N TYR A 110 -9.91 -1.85 -40.88
CA TYR A 110 -9.80 -2.44 -39.56
C TYR A 110 -10.19 -1.43 -38.50
N HIS A 111 -11.00 -1.89 -37.54
CA HIS A 111 -11.67 -1.01 -36.59
C HIS A 111 -11.73 -1.64 -35.21
N LEU A 112 -11.89 -0.79 -34.21
CA LEU A 112 -12.38 -1.18 -32.88
C LEU A 112 -13.47 -0.16 -32.57
N ASP A 113 -14.71 -0.47 -32.97
CA ASP A 113 -15.82 0.48 -32.86
C ASP A 113 -17.15 -0.14 -33.27
N PRO A 114 -18.17 -0.10 -32.40
CA PRO A 114 -18.14 0.38 -31.02
C PRO A 114 -17.53 -0.65 -30.07
N TRP A 115 -17.47 -0.30 -28.78
CA TRP A 115 -16.99 -1.17 -27.73
C TRP A 115 -18.14 -1.54 -26.81
N GLY A 116 -18.04 -2.73 -26.19
CA GLY A 116 -18.97 -3.11 -25.17
C GLY A 116 -18.70 -2.37 -23.88
N GLN A 117 -19.61 -2.52 -22.92
CA GLN A 117 -19.52 -1.72 -21.70
C GLN A 117 -18.39 -2.15 -20.78
N GLY A 118 -17.91 -3.39 -20.90
CA GLY A 118 -16.83 -3.87 -20.06
C GLY A 118 -17.30 -4.73 -18.91
N VAL A 119 -16.57 -5.80 -18.62
CA VAL A 119 -16.82 -6.64 -17.45
C VAL A 119 -15.51 -6.85 -16.73
N VAL A 120 -15.58 -6.96 -15.41
CA VAL A 120 -14.38 -7.13 -14.59
C VAL A 120 -14.13 -8.61 -14.38
N VAL A 121 -12.90 -9.04 -14.65
CA VAL A 121 -12.44 -10.38 -14.34
C VAL A 121 -11.37 -10.25 -13.27
N THR A 122 -11.57 -10.93 -12.14
CA THR A 122 -10.61 -10.92 -11.05
C THR A 122 -10.17 -12.35 -10.79
N VAL A 123 -8.86 -12.57 -10.75
CA VAL A 123 -8.29 -13.88 -10.49
C VAL A 123 -7.58 -13.80 -9.15
N SER A 124 -8.06 -14.58 -8.18
CA SER A 124 -7.63 -14.44 -6.80
C SER A 124 -8.08 -15.68 -6.04
N SER A 125 -7.27 -16.09 -5.07
CA SER A 125 -7.65 -17.18 -4.17
C SER A 125 -8.58 -16.71 -3.05
N ALA A 126 -8.69 -15.41 -2.81
CA ALA A 126 -9.59 -14.89 -1.80
C ALA A 126 -11.04 -15.14 -2.22
N SER A 127 -11.91 -15.24 -1.22
CA SER A 127 -13.31 -15.51 -1.45
C SER A 127 -14.14 -14.26 -1.66
N THR A 128 -15.22 -14.42 -2.42
CA THR A 128 -16.22 -13.37 -2.58
C THR A 128 -16.73 -12.91 -1.22
N LYS A 129 -17.04 -11.61 -1.12
CA LYS A 129 -17.68 -11.10 0.09
C LYS A 129 -18.52 -9.88 -0.26
N GLY A 130 -19.78 -9.91 0.14
CA GLY A 130 -20.71 -8.84 -0.14
C GLY A 130 -20.49 -7.62 0.71
N PRO A 131 -21.02 -6.49 0.28
CA PRO A 131 -20.76 -5.23 0.99
C PRO A 131 -21.69 -4.96 2.16
N SER A 132 -21.12 -4.36 3.20
CA SER A 132 -21.88 -3.71 4.26
C SER A 132 -22.16 -2.28 3.86
N VAL A 133 -23.43 -1.89 3.86
CA VAL A 133 -23.85 -0.57 3.40
C VAL A 133 -24.35 0.22 4.61
N PHE A 134 -23.79 1.42 4.79
CA PHE A 134 -24.17 2.27 5.91
C PHE A 134 -24.55 3.65 5.42
N PRO A 135 -25.57 4.27 6.02
CA PRO A 135 -25.98 5.61 5.59
C PRO A 135 -24.96 6.64 6.03
N LEU A 136 -24.71 7.61 5.15
CA LEU A 136 -23.95 8.82 5.48
C LEU A 136 -24.97 9.94 5.61
N ALA A 137 -25.26 10.33 6.86
CA ALA A 137 -26.38 11.20 7.12
C ALA A 137 -25.90 12.53 7.71
N PRO A 138 -26.51 13.64 7.30
CA PRO A 138 -26.25 14.92 7.95
C PRO A 138 -26.97 14.98 9.29
N SER A 139 -26.87 16.13 9.95
CA SER A 139 -27.63 16.39 11.16
C SER A 139 -28.52 17.60 10.95
N SER A 140 -29.39 17.85 11.91
CA SER A 140 -30.41 18.89 11.80
C SER A 140 -29.82 20.29 11.92
N ARG A 141 -28.54 20.44 11.61
CA ARG A 141 -27.80 21.64 11.97
C ARG A 141 -27.86 22.71 10.89
N SER A 142 -27.19 22.48 9.76
CA SER A 142 -26.99 23.55 8.79
C SER A 142 -28.30 23.99 8.16
N THR A 143 -29.15 24.64 8.96
CA THR A 143 -30.40 25.18 8.42
C THR A 143 -30.14 26.19 7.32
N SER A 144 -29.23 27.14 7.57
CA SER A 144 -29.02 28.28 6.69
C SER A 144 -27.92 28.05 5.66
N GLU A 145 -27.23 26.91 5.71
CA GLU A 145 -26.46 26.44 4.56
C GLU A 145 -27.43 25.69 3.66
N SER A 146 -27.64 26.20 2.45
CA SER A 146 -28.82 25.82 1.68
C SER A 146 -28.74 24.40 1.14
N THR A 147 -27.55 23.87 0.92
CA THR A 147 -27.38 22.53 0.38
C THR A 147 -26.90 21.58 1.46
N ALA A 148 -27.40 20.34 1.40
CA ALA A 148 -27.00 19.29 2.32
C ALA A 148 -26.43 18.12 1.53
N ALA A 149 -25.48 17.43 2.14
CA ALA A 149 -24.87 16.26 1.55
C ALA A 149 -25.33 15.01 2.27
N LEU A 150 -25.49 13.93 1.51
CA LEU A 150 -25.77 12.62 2.10
C LEU A 150 -25.14 11.57 1.20
N GLY A 151 -25.05 10.35 1.71
CA GLY A 151 -24.40 9.31 0.93
C GLY A 151 -24.57 7.94 1.54
N CYS A 152 -23.83 6.99 0.96
CA CYS A 152 -23.79 5.61 1.40
C CYS A 152 -22.33 5.15 1.43
N LEU A 153 -21.93 4.55 2.54
CA LEU A 153 -20.63 3.94 2.66
C LEU A 153 -20.77 2.46 2.31
N VAL A 154 -20.05 2.02 1.29
CA VAL A 154 -20.09 0.65 0.79
C VAL A 154 -18.79 0.00 1.20
N LYS A 155 -18.85 -0.86 2.22
CA LYS A 155 -17.68 -1.23 3.00
C LYS A 155 -17.42 -2.73 2.96
N ASP A 156 -16.14 -3.08 2.81
CA ASP A 156 -15.63 -4.43 3.01
C ASP A 156 -16.29 -5.44 2.06
N TYR A 157 -16.09 -5.23 0.77
CA TYR A 157 -16.53 -6.17 -0.23
C TYR A 157 -15.34 -6.66 -1.05
N PHE A 158 -15.57 -7.74 -1.80
CA PHE A 158 -14.56 -8.28 -2.70
C PHE A 158 -15.21 -9.26 -3.66
N PRO A 159 -14.86 -9.25 -4.95
CA PRO A 159 -13.94 -8.30 -5.58
C PRO A 159 -14.66 -7.06 -6.13
N GLU A 160 -13.97 -6.26 -6.92
CA GLU A 160 -14.63 -5.24 -7.70
C GLU A 160 -15.45 -5.89 -8.81
N PRO A 161 -16.47 -5.19 -9.34
CA PRO A 161 -16.92 -3.84 -8.97
C PRO A 161 -18.22 -3.82 -8.17
N VAL A 162 -18.51 -2.70 -7.49
CA VAL A 162 -19.87 -2.36 -7.13
C VAL A 162 -20.27 -1.17 -7.98
N THR A 163 -21.56 -1.08 -8.29
CA THR A 163 -22.15 0.10 -8.91
C THR A 163 -23.16 0.68 -7.94
N VAL A 164 -23.21 2.01 -7.84
CA VAL A 164 -24.13 2.69 -6.95
C VAL A 164 -24.98 3.67 -7.76
N SER A 165 -26.29 3.58 -7.60
CA SER A 165 -27.23 4.54 -8.14
C SER A 165 -28.08 5.09 -6.99
N TRP A 166 -28.79 6.18 -7.27
CA TRP A 166 -29.62 6.84 -6.27
C TRP A 166 -31.04 6.94 -6.79
N ASN A 167 -32.00 6.51 -5.98
CA ASN A 167 -33.41 6.50 -6.36
C ASN A 167 -33.60 5.83 -7.71
N SER A 168 -32.99 4.65 -7.85
CA SER A 168 -33.14 3.81 -9.05
C SER A 168 -32.68 4.53 -10.30
N GLY A 169 -31.62 5.32 -10.18
CA GLY A 169 -31.08 6.04 -11.32
C GLY A 169 -31.85 7.27 -11.73
N SER A 170 -32.87 7.65 -10.97
CA SER A 170 -33.57 8.90 -11.25
C SER A 170 -32.82 10.11 -10.71
N LEU A 171 -32.12 9.96 -9.59
CA LEU A 171 -31.32 11.03 -9.01
C LEU A 171 -29.88 10.85 -9.47
N THR A 172 -29.47 11.66 -10.44
CA THR A 172 -28.12 11.62 -10.98
C THR A 172 -27.36 12.93 -10.85
N SER A 173 -28.06 14.05 -10.69
CA SER A 173 -27.41 15.36 -10.62
C SER A 173 -26.74 15.54 -9.25
N GLY A 174 -25.44 15.82 -9.27
CA GLY A 174 -24.71 16.01 -8.03
C GLY A 174 -24.20 14.73 -7.39
N VAL A 175 -24.37 13.59 -8.04
CA VAL A 175 -23.89 12.33 -7.49
C VAL A 175 -22.40 12.21 -7.78
N HIS A 176 -21.63 11.86 -6.75
CA HIS A 176 -20.22 11.51 -6.90
C HIS A 176 -20.00 10.15 -6.24
N THR A 177 -19.60 9.17 -7.04
CA THR A 177 -19.23 7.85 -6.52
C THR A 177 -17.72 7.73 -6.59
N PHE A 178 -17.09 7.54 -5.46
CA PHE A 178 -15.64 7.58 -5.42
C PHE A 178 -15.03 6.25 -5.86
N PRO A 179 -13.81 6.29 -6.39
CA PRO A 179 -13.09 5.03 -6.67
C PRO A 179 -12.90 4.24 -5.40
N ALA A 180 -13.01 2.92 -5.51
CA ALA A 180 -12.81 2.05 -4.37
C ALA A 180 -11.36 2.09 -3.91
N VAL A 181 -11.17 1.94 -2.60
CA VAL A 181 -9.85 1.87 -1.99
C VAL A 181 -9.65 0.47 -1.44
N LEU A 182 -8.53 -0.15 -1.81
CA LEU A 182 -8.16 -1.46 -1.26
C LEU A 182 -7.63 -1.26 0.15
N GLN A 183 -8.26 -1.92 1.11
CA GLN A 183 -7.87 -1.81 2.51
C GLN A 183 -6.73 -2.77 2.83
N SER A 184 -6.13 -2.57 4.01
CA SER A 184 -5.08 -3.49 4.45
C SER A 184 -5.61 -4.89 4.63
N SER A 185 -6.91 -5.04 4.90
CA SER A 185 -7.53 -6.35 5.01
C SER A 185 -7.63 -7.08 3.68
N GLY A 186 -7.35 -6.40 2.56
CA GLY A 186 -7.56 -6.98 1.26
C GLY A 186 -8.97 -6.83 0.72
N LEU A 187 -9.85 -6.16 1.45
CA LEU A 187 -11.20 -5.87 0.99
C LEU A 187 -11.29 -4.42 0.52
N TYR A 188 -12.32 -4.14 -0.28
CA TYR A 188 -12.53 -2.82 -0.85
C TYR A 188 -13.58 -2.03 -0.09
N SER A 189 -13.49 -0.70 -0.19
CA SER A 189 -14.50 0.20 0.34
C SER A 189 -14.61 1.41 -0.57
N LEU A 190 -15.83 1.95 -0.66
CA LEU A 190 -16.03 3.23 -1.31
C LEU A 190 -17.25 3.91 -0.70
N SER A 191 -17.36 5.21 -0.98
CA SER A 191 -18.55 5.98 -0.66
C SER A 191 -19.15 6.54 -1.94
N SER A 192 -20.47 6.72 -1.92
CA SER A 192 -21.19 7.49 -2.92
C SER A 192 -21.95 8.59 -2.19
N VAL A 193 -21.77 9.83 -2.64
CA VAL A 193 -22.41 10.96 -2.00
C VAL A 193 -23.22 11.72 -3.05
N VAL A 194 -24.12 12.56 -2.56
CA VAL A 194 -24.90 13.44 -3.42
C VAL A 194 -25.33 14.63 -2.58
N THR A 195 -25.44 15.79 -3.22
CA THR A 195 -25.88 17.00 -2.55
C THR A 195 -27.32 17.31 -2.97
N VAL A 196 -28.15 17.65 -1.99
CA VAL A 196 -29.54 18.00 -2.23
C VAL A 196 -29.86 19.26 -1.42
N PRO A 197 -30.94 19.95 -1.74
CA PRO A 197 -31.33 21.12 -0.95
C PRO A 197 -31.72 20.71 0.47
N SER A 198 -31.39 21.58 1.43
CA SER A 198 -31.86 21.38 2.79
C SER A 198 -33.38 21.39 2.86
N SER A 199 -34.05 21.93 1.85
CA SER A 199 -35.50 21.94 1.80
C SER A 199 -36.05 20.59 1.31
N SER A 200 -35.33 19.51 1.59
CA SER A 200 -35.71 18.20 1.09
C SER A 200 -35.69 17.14 2.17
N LEU A 201 -34.80 17.29 3.15
CA LEU A 201 -34.64 16.30 4.21
C LEU A 201 -35.92 16.27 5.05
N GLY A 202 -36.63 15.15 4.99
CA GLY A 202 -37.96 15.05 5.53
C GLY A 202 -39.06 15.33 4.52
N THR A 203 -38.72 15.98 3.40
CA THR A 203 -39.66 16.22 2.32
C THR A 203 -39.69 15.06 1.33
N GLN A 204 -38.56 14.39 1.10
CA GLN A 204 -38.49 13.31 0.13
C GLN A 204 -37.45 12.30 0.61
N THR A 205 -37.50 11.11 0.01
CA THR A 205 -36.69 9.98 0.43
C THR A 205 -35.53 9.78 -0.53
N TYR A 206 -34.38 9.42 0.02
CA TYR A 206 -33.17 9.15 -0.74
C TYR A 206 -32.68 7.75 -0.41
N VAL A 207 -32.61 6.90 -1.44
CA VAL A 207 -32.16 5.52 -1.29
C VAL A 207 -31.01 5.29 -2.27
N CYS A 208 -29.90 4.77 -1.76
CA CYS A 208 -28.82 4.32 -2.64
C CYS A 208 -29.03 2.85 -2.98
N ASN A 209 -28.83 2.51 -4.25
CA ASN A 209 -28.97 1.14 -4.74
C ASN A 209 -27.58 0.62 -5.08
N VAL A 210 -27.10 -0.34 -4.30
CA VAL A 210 -25.75 -0.89 -4.44
C VAL A 210 -25.85 -2.27 -5.06
N ASN A 211 -25.28 -2.41 -6.26
CA ASN A 211 -25.19 -3.69 -6.94
C ASN A 211 -23.77 -4.24 -6.81
N HIS A 212 -23.67 -5.49 -6.35
CA HIS A 212 -22.40 -6.22 -6.31
C HIS A 212 -22.62 -7.54 -7.00
N LYS A 213 -22.61 -7.52 -8.33
CA LYS A 213 -22.82 -8.74 -9.11
C LYS A 213 -21.95 -9.91 -8.69
N PRO A 214 -20.68 -9.73 -8.32
CA PRO A 214 -19.85 -10.89 -7.98
C PRO A 214 -20.39 -11.72 -6.82
N SER A 215 -21.02 -11.10 -5.83
CA SER A 215 -21.56 -11.84 -4.69
C SER A 215 -23.05 -12.04 -4.80
N ASN A 216 -23.65 -11.43 -5.74
CA ASN A 216 -24.98 -11.77 -6.13
C ASN A 216 -25.98 -10.96 -5.38
N THR A 217 -25.55 -9.78 -5.03
CA THR A 217 -26.16 -8.98 -3.99
C THR A 217 -26.56 -7.65 -4.59
N LYS A 218 -27.78 -7.24 -4.27
CA LYS A 218 -28.23 -5.87 -4.50
C LYS A 218 -28.75 -5.36 -3.17
N VAL A 219 -28.24 -4.22 -2.72
CA VAL A 219 -28.63 -3.62 -1.46
C VAL A 219 -29.24 -2.25 -1.72
N ASP A 220 -30.36 -1.98 -1.05
CA ASP A 220 -30.99 -0.66 -1.05
C ASP A 220 -30.99 -0.14 0.38
N LYS A 221 -30.49 1.08 0.57
CA LYS A 221 -30.38 1.69 1.88
C LYS A 221 -30.98 3.08 1.80
N ARG A 222 -32.10 3.30 2.49
CA ARG A 222 -32.68 4.63 2.56
C ARG A 222 -31.86 5.40 3.62
N VAL A 223 -31.47 6.63 3.28
CA VAL A 223 -30.59 7.44 4.11
C VAL A 223 -31.45 8.47 4.82
N GLU A 224 -31.40 8.47 6.15
CA GLU A 224 -32.25 9.33 6.95
C GLU A 224 -31.44 10.10 7.98
N ILE A 225 -32.10 11.09 8.57
CA ILE A 225 -31.53 11.95 9.59
C ILE A 225 -31.96 11.46 10.97
N TYR B 1 5.81 -6.38 -32.60
CA TYR B 1 5.00 -5.41 -31.80
C TYR B 1 5.37 -3.98 -32.21
N VAL B 2 4.33 -3.17 -32.43
CA VAL B 2 4.48 -1.76 -32.74
C VAL B 2 4.21 -0.97 -31.48
N VAL B 3 5.22 -0.28 -30.97
CA VAL B 3 5.06 0.54 -29.76
C VAL B 3 4.48 1.89 -30.14
N MET B 4 3.46 2.31 -29.39
CA MET B 4 2.80 3.59 -29.56
C MET B 4 3.11 4.45 -28.35
N THR B 5 3.67 5.65 -28.59
CA THR B 5 4.06 6.56 -27.52
C THR B 5 3.34 7.89 -27.69
N GLN B 6 2.72 8.36 -26.62
CA GLN B 6 1.97 9.61 -26.62
C GLN B 6 2.70 10.66 -25.80
N SER B 7 2.30 11.92 -26.02
CA SER B 7 2.80 13.05 -25.25
C SER B 7 1.85 14.22 -25.47
N PRO B 8 1.68 15.11 -24.47
CA PRO B 8 2.23 15.04 -23.11
C PRO B 8 1.24 14.39 -22.16
N LEU B 9 1.69 13.40 -21.39
CA LEU B 9 0.78 12.56 -20.61
C LEU B 9 -0.28 13.34 -19.84
N SER B 10 -0.03 14.60 -19.51
CA SER B 10 -1.02 15.46 -18.91
C SER B 10 -1.00 16.83 -19.58
N LEU B 11 -2.19 17.42 -19.74
CA LEU B 11 -2.35 18.73 -20.35
C LEU B 11 -3.32 19.60 -19.57
N PRO B 12 -2.87 20.69 -18.95
CA PRO B 12 -3.81 21.71 -18.44
C PRO B 12 -4.22 22.67 -19.55
N ILE B 13 -5.49 23.05 -19.56
CA ILE B 13 -6.08 23.70 -20.73
C ILE B 13 -7.16 24.69 -20.30
N THR B 14 -7.14 25.90 -20.92
CA THR B 14 -8.14 26.95 -20.70
C THR B 14 -9.30 26.77 -21.66
N PRO B 15 -10.54 26.85 -21.17
CA PRO B 15 -11.69 26.61 -22.06
C PRO B 15 -11.69 27.57 -23.24
N GLY B 16 -12.19 27.08 -24.37
CA GLY B 16 -12.20 27.85 -25.59
C GLY B 16 -10.90 27.85 -26.36
N GLN B 17 -9.83 27.33 -25.80
CA GLN B 17 -8.54 27.22 -26.48
C GLN B 17 -8.45 25.91 -27.24
N PRO B 18 -7.57 25.84 -28.24
CA PRO B 18 -7.33 24.56 -28.93
C PRO B 18 -6.24 23.75 -28.24
N ALA B 19 -6.31 22.43 -28.46
CA ALA B 19 -5.39 21.49 -27.81
C ALA B 19 -4.94 20.45 -28.82
N SER B 20 -3.70 19.98 -28.65
CA SER B 20 -3.09 19.02 -29.56
C SER B 20 -2.40 17.92 -28.77
N ILE B 21 -2.65 16.68 -29.18
CA ILE B 21 -2.03 15.49 -28.59
C ILE B 21 -1.29 14.75 -29.69
N SER B 22 -0.06 14.32 -29.40
CA SER B 22 0.79 13.63 -30.37
C SER B 22 0.88 12.15 -30.04
N CYS B 23 1.14 11.35 -31.07
CA CYS B 23 1.30 9.91 -30.94
C CYS B 23 2.36 9.47 -31.95
N ARG B 24 3.38 8.77 -31.48
CA ARG B 24 4.47 8.27 -32.31
C ARG B 24 4.46 6.75 -32.29
N SER B 25 4.55 6.15 -33.47
CA SER B 25 4.66 4.71 -33.61
C SER B 25 6.10 4.32 -33.93
N SER B 26 6.50 3.14 -33.44
CA SER B 26 7.83 2.61 -33.69
C SER B 26 7.97 2.01 -35.08
N GLN B 27 6.96 2.16 -35.92
CA GLN B 27 6.92 1.53 -37.24
C GLN B 27 5.90 2.29 -38.07
N ARG B 28 6.23 2.53 -39.34
CA ARG B 28 5.26 3.11 -40.25
C ARG B 28 3.96 2.32 -40.21
N LEU B 29 2.84 3.01 -40.35
CA LEU B 29 1.52 2.38 -40.19
C LEU B 29 0.73 2.31 -41.48
N LEU B 30 1.35 2.59 -42.63
CA LEU B 30 0.70 2.40 -43.91
C LEU B 30 0.40 0.92 -44.14
N HIS B 31 -0.84 0.62 -44.47
CA HIS B 31 -1.30 -0.74 -44.69
C HIS B 31 -1.21 -1.08 -46.17
N SER B 32 -1.06 -2.37 -46.45
CA SER B 32 -1.08 -2.89 -47.80
C SER B 32 -2.21 -2.31 -48.64
N ASP B 33 -3.37 -2.05 -48.01
CA ASP B 33 -4.54 -1.61 -48.76
C ASP B 33 -4.58 -0.10 -48.99
N GLY B 34 -3.52 0.61 -48.59
CA GLY B 34 -3.42 2.02 -48.86
C GLY B 34 -3.88 2.93 -47.74
N ASN B 35 -4.60 2.39 -46.78
CA ASN B 35 -5.04 3.16 -45.62
C ASN B 35 -3.97 3.12 -44.54
N THR B 36 -4.05 4.07 -43.62
CA THR B 36 -3.20 4.10 -42.44
C THR B 36 -4.12 4.00 -41.22
N TYR B 37 -4.04 2.87 -40.51
CA TYR B 37 -5.05 2.53 -39.50
C TYR B 37 -4.59 2.99 -38.12
N LEU B 38 -4.65 4.31 -37.94
CA LEU B 38 -4.40 4.95 -36.66
C LEU B 38 -5.70 5.60 -36.20
N ALA B 39 -6.13 5.26 -34.98
CA ALA B 39 -7.37 5.76 -34.41
C ALA B 39 -7.09 6.54 -33.14
N TRP B 40 -8.07 7.37 -32.75
CA TRP B 40 -8.04 8.12 -31.51
C TRP B 40 -9.29 7.83 -30.71
N TYR B 41 -9.12 7.60 -29.40
CA TYR B 41 -10.25 7.29 -28.54
C TYR B 41 -10.24 8.20 -27.32
N GLN B 42 -11.44 8.44 -26.79
CA GLN B 42 -11.64 9.17 -25.55
C GLN B 42 -12.31 8.26 -24.53
N GLN B 43 -11.76 8.21 -23.32
CA GLN B 43 -12.33 7.41 -22.25
C GLN B 43 -12.61 8.27 -21.03
N ARG B 44 -13.84 8.19 -20.55
CA ARG B 44 -14.29 8.76 -19.29
C ARG B 44 -14.29 7.69 -18.21
N PRO B 45 -14.22 8.08 -16.94
CA PRO B 45 -14.23 7.09 -15.86
C PRO B 45 -15.42 6.14 -15.95
N GLY B 46 -15.14 4.85 -15.78
CA GLY B 46 -16.18 3.84 -15.75
C GLY B 46 -16.82 3.50 -17.08
N GLN B 47 -16.28 3.99 -18.19
CA GLN B 47 -16.86 3.77 -19.50
C GLN B 47 -15.81 3.15 -20.42
N PRO B 48 -16.24 2.48 -21.48
CA PRO B 48 -15.29 2.00 -22.51
C PRO B 48 -14.70 3.16 -23.28
N PRO B 49 -13.58 2.95 -23.98
CA PRO B 49 -13.12 3.97 -24.92
C PRO B 49 -14.18 4.22 -25.99
N ARG B 50 -14.28 5.47 -26.42
CA ARG B 50 -15.19 5.89 -27.48
C ARG B 50 -14.35 6.45 -28.61
N ARG B 51 -14.52 5.91 -29.81
CA ARG B 51 -13.68 6.33 -30.91
C ARG B 51 -14.12 7.69 -31.43
N LEU B 52 -13.17 8.59 -31.57
CA LEU B 52 -13.38 9.91 -32.15
C LEU B 52 -12.92 9.97 -33.61
N ILE B 53 -11.68 9.54 -33.86
CA ILE B 53 -11.05 9.61 -35.18
C ILE B 53 -10.64 8.21 -35.59
N TYR B 54 -10.74 7.92 -36.88
CA TYR B 54 -10.21 6.68 -37.44
C TYR B 54 -9.57 6.98 -38.79
N GLU B 55 -8.64 6.12 -39.20
CA GLU B 55 -7.86 6.31 -40.42
C GLU B 55 -7.23 7.70 -40.47
N VAL B 56 -6.55 8.04 -39.37
CA VAL B 56 -5.76 9.24 -39.20
C VAL B 56 -6.61 10.50 -39.07
N SER B 57 -7.61 10.68 -39.95
CA SER B 57 -8.35 11.93 -39.93
C SER B 57 -9.86 11.83 -40.17
N LYS B 58 -10.44 10.64 -40.22
CA LYS B 58 -11.88 10.54 -40.44
C LYS B 58 -12.63 10.63 -39.12
N LEU B 59 -13.66 11.47 -39.08
CA LEU B 59 -14.46 11.70 -37.88
C LEU B 59 -15.57 10.67 -37.78
N ASP B 60 -15.71 10.06 -36.61
CA ASP B 60 -16.82 9.14 -36.38
C ASP B 60 -18.15 9.89 -36.38
N SER B 61 -19.20 9.19 -36.80
CA SER B 61 -20.54 9.78 -36.84
C SER B 61 -20.91 10.30 -35.46
N GLY B 62 -21.36 11.55 -35.42
CA GLY B 62 -21.81 12.14 -34.17
C GLY B 62 -20.70 12.72 -33.32
N VAL B 63 -19.48 12.78 -33.83
CA VAL B 63 -18.36 13.40 -33.11
C VAL B 63 -18.38 14.89 -33.39
N PRO B 64 -18.30 15.74 -32.35
CA PRO B 64 -18.25 17.18 -32.59
C PRO B 64 -17.17 17.57 -33.59
N ASP B 65 -17.52 18.55 -34.44
CA ASP B 65 -16.66 18.99 -35.53
C ASP B 65 -15.37 19.65 -35.07
N ARG B 66 -15.22 19.93 -33.78
CA ARG B 66 -14.00 20.56 -33.29
C ARG B 66 -12.87 19.57 -33.07
N PHE B 67 -13.14 18.26 -33.17
CA PHE B 67 -12.10 17.25 -33.16
C PHE B 67 -11.60 17.02 -34.58
N SER B 68 -10.28 16.92 -34.73
CA SER B 68 -9.67 16.60 -36.01
C SER B 68 -8.37 15.83 -35.78
N GLY B 69 -7.95 15.09 -36.80
CA GLY B 69 -6.72 14.33 -36.73
C GLY B 69 -5.87 14.53 -37.97
N SER B 70 -4.55 14.37 -37.79
CA SER B 70 -3.58 14.58 -38.85
C SER B 70 -2.39 13.67 -38.64
N GLY B 71 -1.59 13.48 -39.69
CA GLY B 71 -0.31 12.80 -39.59
C GLY B 71 -0.10 11.82 -40.72
N ALA B 72 1.05 11.15 -40.65
CA ALA B 72 1.45 10.15 -41.64
C ALA B 72 2.71 9.46 -41.15
N GLY B 73 2.94 8.26 -41.69
CA GLY B 73 4.15 7.51 -41.36
C GLY B 73 4.20 7.05 -39.93
N THR B 74 4.95 7.77 -39.10
CA THR B 74 5.08 7.44 -37.68
C THR B 74 4.66 8.57 -36.76
N ASP B 75 4.04 9.64 -37.27
CA ASP B 75 3.74 10.84 -36.48
C ASP B 75 2.30 11.27 -36.73
N PHE B 76 1.52 11.37 -35.65
CA PHE B 76 0.10 11.67 -35.73
C PHE B 76 -0.29 12.61 -34.60
N THR B 77 -1.37 13.37 -34.81
CA THR B 77 -1.83 14.33 -33.83
C THR B 77 -3.35 14.44 -33.81
N LEU B 78 -3.92 14.42 -32.61
CA LEU B 78 -5.32 14.78 -32.39
C LEU B 78 -5.38 16.27 -32.05
N LYS B 79 -6.44 16.93 -32.53
CA LYS B 79 -6.65 18.35 -32.26
C LYS B 79 -8.08 18.61 -31.84
N ILE B 80 -8.25 19.47 -30.84
CA ILE B 80 -9.53 20.05 -30.49
C ILE B 80 -9.48 21.50 -30.92
N SER B 81 -10.52 21.95 -31.62
CA SER B 81 -10.56 23.34 -32.10
C SER B 81 -10.77 24.31 -30.95
N ARG B 82 -11.87 24.13 -30.21
CA ARG B 82 -12.16 24.96 -29.03
C ARG B 82 -12.64 24.04 -27.92
N VAL B 83 -11.80 23.82 -26.91
CA VAL B 83 -12.17 22.88 -25.86
C VAL B 83 -13.41 23.34 -25.12
N GLU B 84 -14.28 22.38 -24.82
CA GLU B 84 -15.48 22.60 -24.02
C GLU B 84 -15.34 21.82 -22.71
N ALA B 85 -16.32 21.99 -21.82
CA ALA B 85 -16.26 21.33 -20.52
C ALA B 85 -16.12 19.82 -20.69
N GLU B 86 -16.93 19.23 -21.56
CA GLU B 86 -17.04 17.79 -21.71
C GLU B 86 -15.80 17.13 -22.31
N ASP B 87 -14.75 17.87 -22.64
CA ASP B 87 -13.57 17.29 -23.26
C ASP B 87 -12.56 16.75 -22.27
N VAL B 88 -12.87 16.79 -20.96
CA VAL B 88 -11.97 16.19 -19.98
C VAL B 88 -11.99 14.67 -20.15
N GLY B 89 -10.85 14.04 -19.91
CA GLY B 89 -10.76 12.60 -19.95
C GLY B 89 -9.38 12.15 -20.38
N VAL B 90 -9.28 10.86 -20.69
CA VAL B 90 -8.04 10.24 -21.14
C VAL B 90 -8.20 9.89 -22.62
N TYR B 91 -7.22 10.29 -23.41
CA TYR B 91 -7.23 10.10 -24.86
C TYR B 91 -6.17 9.07 -25.22
N TYR B 92 -6.54 8.12 -26.07
CA TYR B 92 -5.64 7.08 -26.52
C TYR B 92 -5.55 7.10 -28.04
N CYS B 93 -4.34 6.90 -28.55
CA CYS B 93 -4.13 6.51 -29.93
C CYS B 93 -3.97 4.99 -29.99
N GLY B 94 -4.37 4.40 -31.11
CA GLY B 94 -4.15 2.98 -31.33
C GLY B 94 -3.98 2.70 -32.80
N GLN B 95 -3.27 1.61 -33.09
CA GLN B 95 -3.02 1.21 -34.47
C GLN B 95 -3.63 -0.16 -34.74
N ASN B 96 -4.16 -0.34 -35.96
CA ASN B 96 -4.75 -1.60 -36.37
C ASN B 96 -4.16 -2.09 -37.70
N THR B 97 -2.98 -1.61 -38.06
CA THR B 97 -2.29 -2.06 -39.26
C THR B 97 -1.61 -3.39 -39.04
N TYR B 98 -1.12 -3.64 -37.84
CA TYR B 98 -0.40 -4.86 -37.50
C TYR B 98 -1.03 -5.55 -36.29
N LEU B 99 -1.10 -6.88 -36.35
CA LEU B 99 -1.31 -7.60 -35.09
C LEU B 99 0.03 -7.84 -34.41
N PRO B 100 0.11 -7.76 -33.06
CA PRO B 100 -1.01 -7.44 -32.15
C PRO B 100 -1.41 -5.98 -32.26
N TYR B 101 -2.71 -5.67 -32.28
CA TYR B 101 -3.13 -4.28 -32.14
C TYR B 101 -2.49 -3.69 -30.89
N SER B 102 -2.12 -2.42 -30.95
CA SER B 102 -1.43 -1.80 -29.82
C SER B 102 -1.95 -0.38 -29.63
N PHE B 103 -1.73 0.13 -28.41
CA PHE B 103 -2.26 1.40 -27.96
C PHE B 103 -1.18 2.21 -27.26
N GLY B 104 -1.30 3.53 -27.35
CA GLY B 104 -0.48 4.40 -26.54
C GLY B 104 -0.88 4.36 -25.08
N GLN B 105 -0.06 4.98 -24.24
CA GLN B 105 -0.27 4.92 -22.79
C GLN B 105 -1.38 5.84 -22.30
N GLY B 106 -1.89 6.73 -23.14
CA GLY B 106 -2.95 7.62 -22.75
C GLY B 106 -2.47 9.00 -22.36
N SER B 107 -3.24 10.02 -22.71
CA SER B 107 -2.94 11.40 -22.37
C SER B 107 -4.17 11.99 -21.68
N LYS B 108 -4.01 12.44 -20.44
CA LYS B 108 -5.13 12.95 -19.66
C LYS B 108 -5.28 14.45 -19.84
N VAL B 109 -6.46 14.87 -20.29
CA VAL B 109 -6.78 16.28 -20.44
C VAL B 109 -7.46 16.76 -19.16
N GLU B 110 -6.94 17.85 -18.58
CA GLU B 110 -7.58 18.54 -17.48
C GLU B 110 -7.83 19.99 -17.89
N ILE B 111 -9.02 20.49 -17.56
CA ILE B 111 -9.48 21.80 -18.02
C ILE B 111 -9.47 22.75 -16.83
N LYS B 112 -8.62 23.78 -16.89
CA LYS B 112 -8.57 24.75 -15.81
CA LYS B 112 -8.57 24.75 -15.81
C LYS B 112 -9.81 25.62 -15.82
N ARG B 113 -10.39 25.82 -14.64
CA ARG B 113 -11.57 26.64 -14.44
C ARG B 113 -11.29 27.61 -13.30
N ALA B 114 -12.31 28.40 -12.95
CA ALA B 114 -12.17 29.32 -11.82
C ALA B 114 -12.04 28.51 -10.53
N VAL B 115 -11.11 28.95 -9.67
CA VAL B 115 -10.93 28.32 -8.37
C VAL B 115 -12.26 28.25 -7.65
N ALA B 116 -12.52 27.10 -7.03
CA ALA B 116 -13.75 26.87 -6.27
C ALA B 116 -13.36 26.18 -4.97
N ALA B 117 -13.72 26.80 -3.85
CA ALA B 117 -13.45 26.21 -2.55
C ALA B 117 -14.37 25.00 -2.34
N PRO B 118 -13.90 23.99 -1.61
CA PRO B 118 -14.76 22.83 -1.34
C PRO B 118 -15.85 23.17 -0.34
N SER B 119 -17.05 22.63 -0.58
CA SER B 119 -18.04 22.47 0.47
C SER B 119 -17.66 21.26 1.30
N VAL B 120 -17.52 21.44 2.61
CA VAL B 120 -17.04 20.39 3.50
C VAL B 120 -18.21 19.85 4.30
N PHE B 121 -18.26 18.53 4.44
CA PHE B 121 -19.27 17.84 5.22
C PHE B 121 -18.62 16.73 6.03
N ILE B 122 -19.10 16.51 7.25
CA ILE B 122 -18.64 15.40 8.07
C ILE B 122 -19.84 14.53 8.41
N PHE B 123 -19.66 13.22 8.33
CA PHE B 123 -20.74 12.26 8.54
C PHE B 123 -20.43 11.40 9.74
N PRO B 124 -21.17 11.51 10.85
CA PRO B 124 -20.93 10.62 11.98
C PRO B 124 -21.33 9.19 11.60
N PRO B 125 -20.66 8.19 12.17
CA PRO B 125 -20.99 6.80 11.82
C PRO B 125 -22.43 6.48 12.20
N SER B 126 -23.11 5.76 11.31
CA SER B 126 -24.45 5.28 11.64
C SER B 126 -24.38 4.37 12.87
N GLU B 127 -25.44 4.39 13.67
CA GLU B 127 -25.51 3.58 14.88
C GLU B 127 -25.23 2.12 14.56
N ASP B 128 -25.69 1.66 13.40
CA ASP B 128 -25.39 0.36 12.81
C ASP B 128 -23.92 -0.05 12.90
N GLN B 129 -23.00 0.89 12.68
CA GLN B 129 -21.60 0.51 12.50
C GLN B 129 -20.95 0.05 13.79
N VAL B 130 -21.33 0.64 14.93
CA VAL B 130 -20.60 0.40 16.17
C VAL B 130 -20.53 -1.09 16.49
N LYS B 131 -21.62 -1.80 16.26
CA LYS B 131 -21.66 -3.20 16.61
C LYS B 131 -21.11 -4.09 15.51
N SER B 132 -20.38 -3.50 14.58
CA SER B 132 -19.46 -4.23 13.73
C SER B 132 -18.10 -4.25 14.40
N GLY B 133 -17.08 -4.70 13.68
CA GLY B 133 -15.73 -4.60 14.18
C GLY B 133 -15.22 -3.18 14.17
N THR B 134 -15.27 -2.53 13.01
CA THR B 134 -14.70 -1.21 12.83
C THR B 134 -15.78 -0.16 12.59
N VAL B 135 -15.36 1.10 12.66
CA VAL B 135 -16.23 2.26 12.55
C VAL B 135 -15.57 3.24 11.59
N SER B 136 -16.34 3.76 10.64
CA SER B 136 -15.80 4.63 9.59
C SER B 136 -16.43 6.01 9.71
N VAL B 137 -15.59 7.03 9.91
CA VAL B 137 -15.99 8.43 9.86
C VAL B 137 -15.56 8.99 8.51
N VAL B 138 -16.48 9.66 7.83
CA VAL B 138 -16.25 10.17 6.48
C VAL B 138 -16.29 11.70 6.50
N CYS B 139 -15.30 12.31 5.86
CA CYS B 139 -15.25 13.75 5.61
C CYS B 139 -15.27 13.95 4.11
N LEU B 140 -16.21 14.76 3.63
CA LEU B 140 -16.39 14.99 2.20
C LEU B 140 -15.96 16.41 1.84
N LEU B 141 -15.18 16.54 0.77
CA LEU B 141 -14.86 17.82 0.15
C LEU B 141 -15.51 17.81 -1.23
N ASN B 142 -16.54 18.64 -1.42
CA ASN B 142 -17.38 18.57 -2.62
C ASN B 142 -17.12 19.72 -3.57
N ASN B 143 -16.97 19.38 -4.86
CA ASN B 143 -17.04 20.33 -5.97
C ASN B 143 -16.03 21.47 -5.82
N PHE B 144 -14.75 21.10 -5.77
CA PHE B 144 -13.68 22.08 -5.65
C PHE B 144 -12.75 22.02 -6.86
N TYR B 145 -11.96 23.09 -6.99
CA TYR B 145 -10.92 23.20 -8.01
C TYR B 145 -9.87 24.19 -7.53
N PRO B 146 -8.56 23.88 -7.66
CA PRO B 146 -7.92 22.71 -8.28
C PRO B 146 -7.98 21.45 -7.41
N ARG B 147 -7.26 20.39 -7.83
CA ARG B 147 -7.39 19.11 -7.14
C ARG B 147 -6.66 19.09 -5.80
N GLU B 148 -5.52 19.77 -5.68
CA GLU B 148 -4.76 19.71 -4.43
C GLU B 148 -5.61 20.19 -3.26
N ALA B 149 -5.61 19.41 -2.19
CA ALA B 149 -6.37 19.72 -0.98
C ALA B 149 -5.77 18.92 0.17
N SER B 150 -5.87 19.47 1.37
CA SER B 150 -5.31 18.86 2.57
C SER B 150 -6.42 18.63 3.59
N VAL B 151 -6.44 17.44 4.19
CA VAL B 151 -7.44 17.06 5.18
C VAL B 151 -6.73 16.52 6.40
N LYS B 152 -6.99 17.12 7.56
CA LYS B 152 -6.47 16.68 8.84
C LYS B 152 -7.61 16.14 9.70
N TRP B 153 -7.37 15.01 10.36
CA TRP B 153 -8.34 14.47 11.31
C TRP B 153 -7.92 14.83 12.73
N LYS B 154 -8.85 15.37 13.50
CA LYS B 154 -8.63 15.69 14.91
C LYS B 154 -9.64 14.93 15.75
N VAL B 155 -9.15 14.20 16.74
CA VAL B 155 -9.98 13.41 17.64
C VAL B 155 -9.76 13.98 19.04
N ASP B 156 -10.82 14.54 19.63
CA ASP B 156 -10.72 15.25 20.90
C ASP B 156 -9.58 16.26 20.87
N GLY B 157 -9.54 17.04 19.79
CA GLY B 157 -8.59 18.13 19.66
C GLY B 157 -7.16 17.73 19.33
N VAL B 158 -6.89 16.44 19.12
CA VAL B 158 -5.55 15.95 18.86
C VAL B 158 -5.51 15.35 17.46
N LEU B 159 -4.48 15.72 16.70
CA LEU B 159 -4.29 15.18 15.35
C LEU B 159 -4.20 13.66 15.40
N LYS B 160 -4.76 13.00 14.39
CA LYS B 160 -4.75 11.54 14.31
C LYS B 160 -4.19 11.12 12.95
N THR B 161 -3.12 10.33 12.99
CA THR B 161 -2.42 9.89 11.80
C THR B 161 -2.54 8.38 11.64
N GLY B 162 -2.52 7.94 10.38
CA GLY B 162 -2.33 6.54 10.07
C GLY B 162 -3.57 5.70 9.94
N ASN B 163 -4.76 6.28 10.10
CA ASN B 163 -5.99 5.51 10.00
C ASN B 163 -6.99 6.15 9.03
N SER B 164 -6.53 7.02 8.14
CA SER B 164 -7.38 7.66 7.15
C SER B 164 -6.90 7.32 5.76
N GLN B 165 -7.86 7.23 4.84
CA GLN B 165 -7.58 7.01 3.43
C GLN B 165 -8.39 8.00 2.60
N GLU B 166 -7.79 8.50 1.54
CA GLU B 166 -8.44 9.43 0.63
C GLU B 166 -8.76 8.77 -0.70
N SER B 167 -9.83 9.27 -1.33
CA SER B 167 -10.24 8.87 -2.67
C SER B 167 -10.77 10.11 -3.36
N VAL B 168 -10.43 10.28 -4.63
CA VAL B 168 -10.73 11.50 -5.37
C VAL B 168 -11.35 11.12 -6.71
N THR B 169 -12.40 11.83 -7.09
CA THR B 169 -12.98 11.64 -8.40
C THR B 169 -12.04 12.21 -9.46
N GLU B 170 -12.34 11.91 -10.71
CA GLU B 170 -11.70 12.64 -11.79
C GLU B 170 -12.48 13.92 -12.08
N GLN B 171 -11.85 14.83 -12.80
CA GLN B 171 -12.46 16.11 -13.09
C GLN B 171 -13.83 15.91 -13.71
N ASP B 172 -14.83 16.61 -13.18
CA ASP B 172 -16.20 16.45 -13.63
C ASP B 172 -16.36 16.99 -15.05
N SER B 173 -17.21 16.32 -15.82
CA SER B 173 -17.38 16.69 -17.22
C SER B 173 -18.23 17.94 -17.38
N LYS B 174 -19.14 18.21 -16.43
CA LYS B 174 -20.10 19.28 -16.58
C LYS B 174 -19.66 20.57 -15.89
N ASP B 175 -19.18 20.50 -14.64
CA ASP B 175 -18.72 21.69 -13.95
C ASP B 175 -17.21 21.71 -13.73
N ASN B 176 -16.49 20.66 -14.13
CA ASN B 176 -15.02 20.65 -14.15
C ASN B 176 -14.41 20.74 -12.76
N THR B 177 -15.13 20.29 -11.74
CA THR B 177 -14.60 20.27 -10.38
C THR B 177 -14.20 18.86 -9.98
N TYR B 178 -13.52 18.77 -8.83
CA TYR B 178 -13.21 17.51 -8.17
C TYR B 178 -14.02 17.38 -6.88
N SER B 179 -14.09 16.15 -6.39
CA SER B 179 -14.57 15.87 -5.04
C SER B 179 -13.65 14.83 -4.43
N LEU B 180 -13.58 14.84 -3.10
CA LEU B 180 -12.65 14.00 -2.35
C LEU B 180 -13.34 13.51 -1.10
N SER B 181 -13.09 12.25 -0.75
CA SER B 181 -13.51 11.68 0.53
C SER B 181 -12.27 11.31 1.32
N SER B 182 -12.31 11.60 2.62
CA SER B 182 -11.32 11.09 3.58
C SER B 182 -12.09 10.28 4.61
N THR B 183 -11.72 9.01 4.76
CA THR B 183 -12.43 8.08 5.62
C THR B 183 -11.50 7.65 6.76
N LEU B 184 -11.89 7.97 7.98
CA LEU B 184 -11.17 7.56 9.19
C LEU B 184 -11.81 6.29 9.71
N THR B 185 -11.02 5.22 9.80
CA THR B 185 -11.53 3.92 10.22
C THR B 185 -10.88 3.54 11.54
N LEU B 186 -11.69 3.38 12.56
CA LEU B 186 -11.22 3.04 13.91
C LEU B 186 -11.80 1.70 14.34
N SER B 187 -11.16 1.10 15.34
CA SER B 187 -11.73 -0.08 15.97
C SER B 187 -13.01 0.29 16.71
N ASN B 188 -13.80 -0.73 17.03
CA ASN B 188 -15.02 -0.51 17.80
C ASN B 188 -14.70 0.19 19.12
N THR B 189 -13.75 -0.35 19.88
CA THR B 189 -13.44 0.20 21.20
C THR B 189 -12.83 1.59 21.09
N ASP B 190 -11.95 1.81 20.11
CA ASP B 190 -11.30 3.10 19.98
C ASP B 190 -12.32 4.21 19.73
N TYR B 191 -13.26 3.98 18.80
CA TYR B 191 -14.27 5.01 18.54
C TYR B 191 -15.03 5.35 19.81
N GLN B 192 -15.20 4.38 20.72
CA GLN B 192 -15.79 4.66 22.02
C GLN B 192 -14.86 5.51 22.88
N SER B 193 -13.55 5.42 22.63
CA SER B 193 -12.58 6.06 23.52
C SER B 193 -12.74 7.57 23.57
N HIS B 194 -13.24 8.18 22.50
CA HIS B 194 -13.17 9.62 22.34
C HIS B 194 -14.55 10.22 22.10
N ASN B 195 -14.61 11.55 22.22
CA ASN B 195 -15.86 12.29 22.24
C ASN B 195 -16.09 13.09 20.96
N VAL B 196 -15.09 13.87 20.54
CA VAL B 196 -15.25 14.85 19.46
C VAL B 196 -14.39 14.42 18.28
N TYR B 197 -15.00 14.43 17.10
CA TYR B 197 -14.32 14.06 15.86
C TYR B 197 -14.44 15.23 14.89
N ALA B 198 -13.30 15.70 14.38
CA ALA B 198 -13.26 16.84 13.48
C ALA B 198 -12.36 16.55 12.30
N CYS B 199 -12.73 17.08 11.13
CA CYS B 199 -11.84 17.12 9.98
C CYS B 199 -11.63 18.57 9.57
N GLU B 200 -10.36 18.96 9.43
CA GLU B 200 -9.96 20.30 9.05
C GLU B 200 -9.45 20.27 7.62
N VAL B 201 -9.94 21.19 6.80
CA VAL B 201 -9.68 21.19 5.36
C VAL B 201 -8.93 22.47 5.01
N THR B 202 -7.87 22.31 4.22
CA THR B 202 -7.08 23.41 3.69
C THR B 202 -7.11 23.36 2.17
N HIS B 203 -7.27 24.52 1.55
CA HIS B 203 -7.39 24.60 0.10
C HIS B 203 -7.08 26.02 -0.35
N GLN B 204 -6.52 26.14 -1.55
CA GLN B 204 -6.20 27.45 -2.12
C GLN B 204 -7.41 28.36 -2.16
N GLY B 205 -8.60 27.79 -2.34
CA GLY B 205 -9.81 28.57 -2.38
C GLY B 205 -10.38 28.99 -1.04
N LEU B 206 -9.77 28.56 0.05
CA LEU B 206 -10.25 28.85 1.41
C LEU B 206 -9.32 29.83 2.09
N SER B 207 -9.87 30.99 2.49
CA SER B 207 -9.05 32.03 3.08
C SER B 207 -8.47 31.62 4.43
N SER B 208 -9.13 30.70 5.12
CA SER B 208 -8.63 30.06 6.32
C SER B 208 -9.11 28.61 6.29
N PRO B 209 -8.50 27.73 7.07
CA PRO B 209 -8.97 26.34 7.12
C PRO B 209 -10.41 26.27 7.58
N VAL B 210 -11.13 25.27 7.07
CA VAL B 210 -12.51 24.99 7.44
C VAL B 210 -12.53 23.69 8.22
N THR B 211 -13.21 23.71 9.37
CA THR B 211 -13.30 22.54 10.25
C THR B 211 -14.76 22.14 10.41
N LYS B 212 -15.04 20.86 10.24
CA LYS B 212 -16.35 20.28 10.53
C LYS B 212 -16.18 19.22 11.61
N SER B 213 -17.12 19.18 12.56
CA SER B 213 -16.98 18.32 13.71
C SER B 213 -18.35 17.84 14.17
N PHE B 214 -18.32 16.80 14.99
CA PHE B 214 -19.52 16.30 15.65
C PHE B 214 -19.12 15.67 16.97
N ASN B 215 -20.08 15.59 17.88
CA ASN B 215 -19.92 14.91 19.17
C ASN B 215 -20.50 13.51 19.06
N ARG B 216 -19.74 12.52 19.53
CA ARG B 216 -20.23 11.15 19.50
C ARG B 216 -21.50 11.03 20.34
N GLY B 217 -22.60 10.66 19.69
CA GLY B 217 -23.87 10.52 20.38
C GLY B 217 -25.00 11.25 19.68
N GLU C 1 -0.88 -6.31 -3.00
CA GLU C 1 -1.40 -7.58 -3.59
C GLU C 1 -0.31 -8.66 -3.63
N VAL C 2 0.86 -8.32 -4.16
CA VAL C 2 1.99 -9.26 -4.16
C VAL C 2 2.45 -9.44 -2.72
N GLN C 3 2.25 -10.62 -2.16
CA GLN C 3 2.59 -10.89 -0.77
C GLN C 3 3.37 -12.19 -0.66
N LEU C 4 4.32 -12.20 0.26
CA LEU C 4 5.04 -13.40 0.68
C LEU C 4 4.89 -13.54 2.19
N ALA C 5 4.23 -14.61 2.62
CA ALA C 5 3.87 -14.80 4.02
C ALA C 5 4.70 -15.94 4.58
N GLU C 6 5.64 -15.61 5.46
CA GLU C 6 6.55 -16.58 6.03
C GLU C 6 5.98 -17.18 7.30
N SER C 7 6.39 -18.42 7.58
CA SER C 7 6.06 -19.05 8.84
C SER C 7 7.07 -20.17 9.10
N GLY C 8 7.05 -20.67 10.32
CA GLY C 8 7.92 -21.76 10.71
C GLY C 8 9.11 -21.37 11.55
N GLY C 9 9.14 -20.16 12.09
CA GLY C 9 10.23 -19.76 12.94
C GLY C 9 10.24 -20.53 14.24
N GLY C 10 11.24 -20.24 15.06
CA GLY C 10 11.21 -20.69 16.43
C GLY C 10 12.56 -21.19 16.90
N LEU C 11 12.51 -21.93 17.99
CA LEU C 11 13.68 -22.39 18.73
C LEU C 11 13.91 -23.87 18.48
N THR C 12 15.16 -24.23 18.22
CA THR C 12 15.57 -25.62 18.18
C THR C 12 16.92 -25.75 18.88
N LYS C 13 17.25 -26.99 19.26
CA LYS C 13 18.55 -27.21 19.88
C LYS C 13 19.60 -27.43 18.80
N PRO C 14 20.87 -27.10 19.08
CA PRO C 14 21.93 -27.37 18.11
C PRO C 14 21.87 -28.82 17.64
N GLY C 15 22.06 -29.00 16.33
CA GLY C 15 21.92 -30.29 15.70
C GLY C 15 20.52 -30.65 15.27
N GLY C 16 19.52 -29.87 15.68
CA GLY C 16 18.14 -30.14 15.34
C GLY C 16 17.79 -29.65 13.94
N SER C 17 16.50 -29.68 13.66
CA SER C 17 15.97 -29.32 12.34
C SER C 17 14.78 -28.40 12.48
N LEU C 18 14.57 -27.58 11.46
CA LEU C 18 13.42 -26.71 11.36
C LEU C 18 13.08 -26.55 9.88
N ARG C 19 11.81 -26.30 9.58
CA ARG C 19 11.38 -26.06 8.21
C ARG C 19 10.66 -24.72 8.13
N LEU C 20 11.17 -23.83 7.27
CA LEU C 20 10.54 -22.55 7.02
C LEU C 20 9.63 -22.66 5.80
N SER C 21 8.56 -21.86 5.81
CA SER C 21 7.60 -21.79 4.72
C SER C 21 7.47 -20.35 4.27
N CYS C 22 7.17 -20.17 2.98
CA CYS C 22 6.95 -18.86 2.38
C CYS C 22 5.79 -19.01 1.41
N ALA C 23 4.63 -18.47 1.76
CA ALA C 23 3.42 -18.61 0.95
C ALA C 23 3.27 -17.37 0.08
N ALA C 24 3.15 -17.57 -1.22
CA ALA C 24 3.09 -16.47 -2.19
C ALA C 24 1.66 -16.31 -2.68
N SER C 25 1.27 -15.06 -2.93
CA SER C 25 -0.04 -14.78 -3.51
C SER C 25 0.06 -13.48 -4.29
N GLY C 26 -0.87 -13.32 -5.24
CA GLY C 26 -0.93 -12.13 -6.05
C GLY C 26 -0.11 -12.16 -7.32
N PHE C 27 0.57 -13.26 -7.59
CA PHE C 27 1.34 -13.40 -8.83
C PHE C 27 1.50 -14.89 -9.12
N THR C 28 1.91 -15.20 -10.34
CA THR C 28 2.10 -16.60 -10.74
C THR C 28 3.43 -17.06 -10.17
N PHE C 29 3.35 -17.78 -9.05
CA PHE C 29 4.53 -18.22 -8.32
C PHE C 29 5.49 -19.00 -9.21
N SER C 30 4.95 -19.92 -10.01
CA SER C 30 5.77 -20.78 -10.84
C SER C 30 6.52 -20.04 -11.95
N ASP C 31 6.36 -18.73 -12.09
CA ASP C 31 7.09 -17.97 -13.10
C ASP C 31 8.38 -17.35 -12.58
N PHE C 32 8.71 -17.53 -11.31
CA PHE C 32 9.79 -16.78 -10.68
C PHE C 32 10.74 -17.69 -9.92
N TYR C 33 12.05 -17.40 -10.06
CA TYR C 33 13.02 -17.87 -9.08
C TYR C 33 12.72 -17.24 -7.71
N MET C 34 13.16 -17.90 -6.64
CA MET C 34 12.96 -17.42 -5.28
C MET C 34 14.26 -17.57 -4.51
N ASP C 35 14.39 -16.79 -3.42
CA ASP C 35 15.56 -16.83 -2.58
C ASP C 35 15.20 -16.83 -1.10
N TRP C 36 16.13 -17.32 -0.29
CA TRP C 36 16.17 -17.10 1.14
C TRP C 36 17.40 -16.26 1.46
N VAL C 37 17.21 -15.29 2.35
CA VAL C 37 18.24 -14.40 2.84
C VAL C 37 18.08 -14.31 4.35
N ARG C 38 19.20 -14.32 5.08
CA ARG C 38 19.15 -14.21 6.53
C ARG C 38 19.92 -12.98 7.00
N GLN C 39 19.59 -12.55 8.23
CA GLN C 39 20.15 -11.33 8.80
C GLN C 39 20.45 -11.51 10.27
N THR C 40 21.64 -11.10 10.68
CA THR C 40 22.06 -11.03 12.07
C THR C 40 22.59 -9.65 12.35
N PRO C 41 22.53 -9.19 13.61
CA PRO C 41 23.16 -7.90 13.94
C PRO C 41 24.65 -7.91 13.74
N GLY C 42 25.27 -9.09 13.73
CA GLY C 42 26.72 -9.20 13.63
C GLY C 42 27.26 -9.18 12.21
N LYS C 43 26.72 -10.03 11.35
CA LYS C 43 27.22 -10.17 9.98
C LYS C 43 26.29 -9.54 8.95
N GLY C 44 25.23 -8.85 9.37
CA GLY C 44 24.36 -8.19 8.41
C GLY C 44 23.57 -9.18 7.57
N LEU C 45 23.30 -8.77 6.32
CA LEU C 45 22.52 -9.58 5.40
C LEU C 45 23.41 -10.61 4.71
N GLU C 46 22.97 -11.87 4.73
CA GLU C 46 23.69 -12.97 4.11
C GLU C 46 22.72 -13.80 3.26
N TRP C 47 23.02 -13.93 1.98
CA TRP C 47 22.24 -14.78 1.10
C TRP C 47 22.43 -16.25 1.50
N VAL C 48 21.33 -17.00 1.48
CA VAL C 48 21.31 -18.39 1.93
C VAL C 48 21.13 -19.36 0.76
N SER C 49 20.11 -19.14 -0.07
CA SER C 49 19.76 -20.13 -1.07
C SER C 49 18.90 -19.50 -2.16
N ARG C 50 18.98 -20.09 -3.35
CA ARG C 50 18.18 -19.72 -4.51
C ARG C 50 17.60 -20.98 -5.13
N ILE C 51 16.40 -20.86 -5.69
CA ILE C 51 15.77 -21.94 -6.43
C ILE C 51 15.14 -21.35 -7.69
N ASN C 52 15.25 -22.07 -8.80
CA ASN C 52 14.67 -21.58 -10.05
C ASN C 52 13.16 -21.85 -10.07
N ASN C 53 12.50 -21.41 -11.13
CA ASN C 53 11.05 -21.33 -11.12
C ASN C 53 10.39 -22.71 -11.06
N ASP C 54 10.97 -23.74 -11.68
CA ASP C 54 10.35 -25.05 -11.65
C ASP C 54 10.89 -25.95 -10.53
N GLY C 55 11.82 -25.46 -9.71
CA GLY C 55 12.32 -26.24 -8.60
C GLY C 55 13.37 -27.26 -8.98
N ARG C 56 13.78 -27.29 -10.24
CA ARG C 56 14.78 -28.25 -10.71
C ARG C 56 16.19 -27.87 -10.26
N ASN C 57 16.53 -26.58 -10.28
CA ASN C 57 17.89 -26.12 -10.00
C ASN C 57 17.92 -25.30 -8.71
N LYS C 58 18.90 -25.60 -7.86
CA LYS C 58 19.03 -25.01 -6.54
C LYS C 58 20.47 -24.57 -6.32
N TRP C 59 20.64 -23.53 -5.51
CA TRP C 59 21.95 -22.97 -5.19
C TRP C 59 21.99 -22.63 -3.71
N TYR C 60 23.19 -22.77 -3.12
CA TYR C 60 23.36 -22.54 -1.69
C TYR C 60 24.63 -21.76 -1.40
N ALA C 61 24.60 -21.00 -0.30
CA ALA C 61 25.81 -20.39 0.23
C ALA C 61 26.71 -21.46 0.85
N ASP C 62 28.02 -21.24 0.77
CA ASP C 62 28.97 -22.20 1.32
C ASP C 62 28.65 -22.54 2.77
N SER C 63 28.22 -21.56 3.55
CA SER C 63 28.04 -21.75 4.98
C SER C 63 26.89 -22.70 5.32
N VAL C 64 25.98 -22.94 4.38
CA VAL C 64 24.83 -23.80 4.65
C VAL C 64 24.77 -25.02 3.76
N ARG C 65 25.62 -25.13 2.73
CA ARG C 65 25.53 -26.24 1.81
C ARG C 65 25.72 -27.57 2.53
N GLY C 66 24.90 -28.55 2.17
CA GLY C 66 24.92 -29.85 2.83
C GLY C 66 24.08 -29.94 4.08
N ARG C 67 23.64 -28.81 4.63
CA ARG C 67 22.79 -28.78 5.82
C ARG C 67 21.40 -28.25 5.53
N PHE C 68 21.29 -27.25 4.67
CA PHE C 68 20.00 -26.67 4.27
C PHE C 68 19.66 -27.18 2.89
N THR C 69 18.36 -27.40 2.64
CA THR C 69 17.89 -27.69 1.29
C THR C 69 16.64 -26.86 1.01
N VAL C 70 16.57 -26.35 -0.20
CA VAL C 70 15.47 -25.48 -0.64
C VAL C 70 14.57 -26.28 -1.57
N SER C 71 13.27 -26.04 -1.47
CA SER C 71 12.31 -26.72 -2.33
C SER C 71 11.11 -25.82 -2.52
N ARG C 72 10.22 -26.22 -3.42
CA ARG C 72 9.00 -25.46 -3.65
C ARG C 72 7.91 -26.39 -4.14
N GLU C 73 6.67 -26.07 -3.80
CA GLU C 73 5.49 -26.76 -4.29
C GLU C 73 4.67 -25.72 -5.04
N ASN C 74 4.82 -25.67 -6.36
CA ASN C 74 4.17 -24.61 -7.13
C ASN C 74 2.65 -24.76 -7.11
N ALA C 75 2.13 -25.98 -7.00
CA ALA C 75 0.70 -26.17 -6.87
C ALA C 75 0.16 -25.61 -5.56
N LYS C 76 1.01 -25.41 -4.55
CA LYS C 76 0.64 -24.77 -3.30
C LYS C 76 1.15 -23.35 -3.18
N ASN C 77 1.84 -22.84 -4.19
CA ASN C 77 2.47 -21.52 -4.17
C ASN C 77 3.34 -21.33 -2.92
N THR C 78 4.06 -22.38 -2.52
CA THR C 78 4.83 -22.34 -1.29
C THR C 78 6.30 -22.65 -1.54
N LEU C 79 7.17 -21.81 -0.97
CA LEU C 79 8.61 -22.01 -0.94
C LEU C 79 9.02 -22.53 0.43
N TYR C 80 9.96 -23.46 0.46
CA TYR C 80 10.41 -24.04 1.72
C TYR C 80 11.92 -23.90 1.89
N LEU C 81 12.35 -23.82 3.15
CA LEU C 81 13.76 -23.97 3.52
C LEU C 81 13.82 -25.03 4.63
N GLN C 82 14.34 -26.21 4.29
CA GLN C 82 14.56 -27.27 5.28
C GLN C 82 15.95 -27.09 5.87
N MET C 83 16.03 -26.85 7.17
CA MET C 83 17.26 -26.51 7.86
C MET C 83 17.62 -27.67 8.79
N ASP C 84 18.63 -28.44 8.41
CA ASP C 84 19.10 -29.56 9.21
C ASP C 84 20.44 -29.21 9.86
N SER C 85 20.82 -30.04 10.83
CA SER C 85 22.10 -29.89 11.54
C SER C 85 22.32 -28.44 11.95
N LEU C 86 21.28 -27.85 12.54
CA LEU C 86 21.34 -26.44 12.86
C LEU C 86 22.48 -26.16 13.83
N ARG C 87 23.12 -25.02 13.65
CA ARG C 87 24.24 -24.60 14.46
C ARG C 87 23.87 -23.31 15.19
N ALA C 88 24.45 -23.16 16.38
CA ALA C 88 24.36 -21.90 17.12
C ALA C 88 24.51 -20.73 16.16
N GLU C 89 25.37 -20.91 15.15
CA GLU C 89 25.70 -19.85 14.20
C GLU C 89 24.60 -19.57 13.19
N ASP C 90 23.58 -20.42 13.08
CA ASP C 90 22.46 -20.18 12.17
C ASP C 90 21.38 -19.29 12.77
N THR C 91 21.50 -18.85 14.02
CA THR C 91 20.51 -17.95 14.59
C THR C 91 20.46 -16.66 13.79
N ALA C 92 19.26 -16.27 13.36
CA ALA C 92 19.10 -15.12 12.48
C ALA C 92 17.62 -14.92 12.19
N VAL C 93 17.31 -13.75 11.61
CA VAL C 93 16.03 -13.52 10.96
C VAL C 93 16.15 -14.02 9.52
N TYR C 94 15.19 -14.83 9.08
CA TYR C 94 15.19 -15.38 7.73
C TYR C 94 14.08 -14.76 6.90
N TYR C 95 14.44 -14.32 5.70
CA TYR C 95 13.52 -13.71 4.74
C TYR C 95 13.47 -14.54 3.47
N CYS C 96 12.29 -14.59 2.85
CA CYS C 96 12.19 -15.05 1.47
C CYS C 96 12.03 -13.83 0.56
N ALA C 97 12.44 -13.98 -0.69
CA ALA C 97 12.39 -12.87 -1.63
C ALA C 97 12.19 -13.42 -3.03
N ARG C 98 11.48 -12.65 -3.86
CA ARG C 98 11.19 -13.04 -5.23
C ARG C 98 12.31 -12.55 -6.15
N ASP C 99 12.66 -13.39 -7.13
CA ASP C 99 13.84 -13.20 -7.95
C ASP C 99 13.47 -13.18 -9.42
N ARG C 100 14.21 -13.91 -10.25
CA ARG C 100 14.16 -13.73 -11.69
C ARG C 100 12.83 -14.22 -12.28
N PRO C 101 12.22 -13.45 -13.17
CA PRO C 101 11.05 -13.96 -13.89
C PRO C 101 11.45 -14.78 -15.10
N VAL C 102 10.57 -15.72 -15.46
CA VAL C 102 10.82 -16.66 -16.55
C VAL C 102 9.68 -16.55 -17.55
N TYR C 103 10.01 -16.17 -18.79
CA TYR C 103 9.02 -15.97 -19.82
C TYR C 103 9.01 -17.19 -20.75
N ARG C 104 8.36 -17.04 -21.90
CA ARG C 104 8.18 -18.19 -22.79
C ARG C 104 9.49 -18.60 -23.42
N TYR C 105 10.23 -17.65 -23.99
CA TYR C 105 11.40 -17.94 -24.79
C TYR C 105 12.70 -17.38 -24.23
N TRP C 106 12.66 -16.77 -23.05
CA TRP C 106 13.87 -16.25 -22.39
C TRP C 106 13.51 -15.96 -20.94
N SER C 107 14.48 -15.40 -20.21
CA SER C 107 14.29 -15.07 -18.80
C SER C 107 14.80 -13.66 -18.52
N GLY C 108 14.21 -13.04 -17.50
CA GLY C 108 14.47 -11.66 -17.17
C GLY C 108 15.70 -11.47 -16.31
N GLY C 109 15.70 -10.37 -15.55
CA GLY C 109 16.82 -10.01 -14.71
C GLY C 109 16.74 -10.63 -13.33
N TYR C 110 17.77 -10.35 -12.53
CA TYR C 110 17.89 -10.90 -11.20
C TYR C 110 17.48 -9.87 -10.16
N HIS C 111 16.69 -10.33 -9.20
CA HIS C 111 16.02 -9.45 -8.24
C HIS C 111 15.95 -10.09 -6.86
N LEU C 112 15.82 -9.25 -5.85
CA LEU C 112 15.33 -9.64 -4.52
C LEU C 112 14.23 -8.63 -4.21
N ASP C 113 12.99 -8.92 -4.65
CA ASP C 113 11.88 -7.98 -4.53
C ASP C 113 10.55 -8.60 -4.95
N PRO C 114 9.53 -8.59 -4.07
CA PRO C 114 9.59 -8.12 -2.68
C PRO C 114 10.16 -9.16 -1.72
N TRP C 115 10.22 -8.80 -0.44
CA TRP C 115 10.69 -9.66 0.63
C TRP C 115 9.53 -10.02 1.56
N GLY C 116 9.61 -11.22 2.13
CA GLY C 116 8.69 -11.60 3.18
C GLY C 116 8.96 -10.81 4.46
N GLN C 117 8.06 -10.97 5.42
CA GLN C 117 8.14 -10.16 6.64
C GLN C 117 9.27 -10.59 7.57
N GLY C 118 9.75 -11.82 7.45
CA GLY C 118 10.84 -12.30 8.28
C GLY C 118 10.38 -13.15 9.42
N VAL C 119 11.10 -14.25 9.69
CA VAL C 119 10.85 -15.08 10.86
C VAL C 119 12.17 -15.28 11.58
N VAL C 120 12.09 -15.38 12.91
CA VAL C 120 13.27 -15.56 13.74
C VAL C 120 13.53 -17.05 13.93
N VAL C 121 14.75 -17.47 13.66
CA VAL C 121 15.23 -18.81 13.99
C VAL C 121 16.30 -18.65 15.06
N THR C 122 16.12 -19.35 16.18
CA THR C 122 17.08 -19.32 17.28
C THR C 122 17.54 -20.74 17.54
N VAL C 123 18.85 -20.94 17.60
CA VAL C 123 19.46 -22.24 17.86
C VAL C 123 20.14 -22.13 19.22
N SER C 124 19.65 -22.90 20.20
CA SER C 124 20.03 -22.69 21.58
C SER C 124 19.76 -23.94 22.39
N SER C 125 20.60 -24.16 23.40
CA SER C 125 20.39 -25.24 24.35
C SER C 125 19.33 -24.90 25.38
N ALA C 126 19.07 -23.63 25.61
CA ALA C 126 18.15 -23.19 26.64
C ALA C 126 16.70 -23.45 26.22
N SER C 127 15.82 -23.42 27.21
CA SER C 127 14.42 -23.78 27.04
C SER C 127 13.57 -22.56 26.74
N THR C 128 12.46 -22.80 26.02
CA THR C 128 11.47 -21.75 25.75
C THR C 128 10.92 -21.20 27.06
N LYS C 129 10.49 -19.93 27.05
CA LYS C 129 9.81 -19.34 28.20
C LYS C 129 8.84 -18.24 27.78
N GLY C 130 7.67 -18.24 28.42
CA GLY C 130 6.72 -17.17 28.30
C GLY C 130 7.11 -15.95 29.09
N PRO C 131 6.61 -14.82 28.66
CA PRO C 131 6.92 -13.56 29.34
C PRO C 131 6.01 -13.31 30.52
N SER C 132 6.60 -12.75 31.58
CA SER C 132 5.85 -12.08 32.63
C SER C 132 5.57 -10.65 32.21
N VAL C 133 4.31 -10.24 32.25
CA VAL C 133 3.89 -8.91 31.79
C VAL C 133 3.42 -8.12 33.00
N PHE C 134 3.99 -6.92 33.19
CA PHE C 134 3.63 -6.08 34.31
C PHE C 134 3.28 -4.68 33.81
N PRO C 135 2.30 -4.04 34.46
CA PRO C 135 1.92 -2.67 34.05
C PRO C 135 2.94 -1.65 34.51
N LEU C 136 3.22 -0.68 33.64
CA LEU C 136 3.95 0.53 33.98
C LEU C 136 2.90 1.63 34.13
N ALA C 137 2.56 1.96 35.37
CA ALA C 137 1.41 2.82 35.63
C ALA C 137 1.85 4.18 36.13
N PRO C 138 1.25 5.26 35.60
CA PRO C 138 1.47 6.58 36.19
C PRO C 138 0.74 6.71 37.52
N SER C 139 1.08 7.77 38.24
CA SER C 139 0.45 8.08 39.51
C SER C 139 -0.56 9.21 39.33
N SER C 140 -1.46 9.34 40.30
CA SER C 140 -2.50 10.37 40.27
C SER C 140 -1.97 11.79 40.41
N ARG C 141 -0.66 12.01 40.28
CA ARG C 141 -0.09 13.35 40.33
C ARG C 141 -0.11 13.98 38.94
N SER C 142 0.88 14.82 38.65
CA SER C 142 0.98 15.49 37.35
C SER C 142 -0.25 16.35 37.09
N THR C 143 -1.36 15.72 36.66
CA THR C 143 -2.60 16.42 36.38
C THR C 143 -2.40 17.57 35.39
N SER C 144 -1.62 18.58 35.79
CA SER C 144 -1.46 19.78 34.97
C SER C 144 -0.38 19.64 33.91
N GLU C 145 0.50 18.64 34.01
CA GLU C 145 1.30 18.22 32.86
C GLU C 145 0.38 17.42 31.96
N SER C 146 0.03 18.00 30.80
CA SER C 146 -1.09 17.52 30.00
C SER C 146 -0.89 16.14 29.39
N THR C 147 0.28 15.53 29.57
CA THR C 147 0.58 14.26 28.92
C THR C 147 1.09 13.26 29.96
N ALA C 148 0.45 12.09 30.01
CA ALA C 148 0.85 11.00 30.88
C ALA C 148 1.37 9.84 30.04
N ALA C 149 2.26 9.07 30.65
CA ALA C 149 2.83 7.89 30.01
C ALA C 149 2.37 6.63 30.73
N LEU C 150 2.18 5.57 29.96
CA LEU C 150 1.93 4.26 30.53
C LEU C 150 2.58 3.23 29.63
N GLY C 151 2.70 2.01 30.15
CA GLY C 151 3.37 0.97 29.38
C GLY C 151 3.20 -0.39 30.00
N CYS C 152 3.96 -1.34 29.44
CA CYS C 152 4.00 -2.72 29.91
C CYS C 152 5.45 -3.19 29.90
N LEU C 153 5.88 -3.79 31.02
CA LEU C 153 7.18 -4.43 31.11
C LEU C 153 7.01 -5.91 30.75
N VAL C 154 7.74 -6.34 29.72
CA VAL C 154 7.68 -7.72 29.23
C VAL C 154 8.98 -8.38 29.64
N LYS C 155 8.92 -9.26 30.64
CA LYS C 155 10.09 -9.66 31.40
C LYS C 155 10.34 -11.16 31.33
N ASP C 156 11.62 -11.51 31.23
CA ASP C 156 12.10 -12.88 31.44
C ASP C 156 11.45 -13.87 30.47
N TYR C 157 11.73 -13.67 29.19
CA TYR C 157 11.24 -14.57 28.15
C TYR C 157 12.41 -15.05 27.30
N PHE C 158 12.20 -16.17 26.62
CA PHE C 158 13.22 -16.70 25.72
C PHE C 158 12.57 -17.68 24.76
N PRO C 159 12.91 -17.66 23.45
CA PRO C 159 13.80 -16.69 22.81
C PRO C 159 13.04 -15.50 22.22
N GLU C 160 13.72 -14.71 21.41
CA GLU C 160 13.07 -13.66 20.64
C GLU C 160 12.23 -14.30 19.53
N PRO C 161 11.20 -13.59 19.03
CA PRO C 161 10.77 -12.24 19.42
C PRO C 161 9.47 -12.22 20.23
N VAL C 162 9.17 -11.10 20.88
CA VAL C 162 7.81 -10.76 21.28
C VAL C 162 7.39 -9.58 20.42
N THR C 163 6.10 -9.51 20.12
CA THR C 163 5.48 -8.33 19.53
C THR C 163 4.49 -7.74 20.51
N VAL C 164 4.46 -6.41 20.61
CA VAL C 164 3.55 -5.71 21.52
C VAL C 164 2.71 -4.74 20.71
N SER C 165 1.39 -4.79 20.93
CA SER C 165 0.47 -3.81 20.39
C SER C 165 -0.36 -3.25 21.55
N TRP C 166 -1.07 -2.16 21.28
CA TRP C 166 -1.90 -1.49 22.27
C TRP C 166 -3.32 -1.40 21.76
N ASN C 167 -4.27 -1.78 22.62
CA ASN C 167 -5.68 -1.83 22.27
C ASN C 167 -5.88 -2.53 20.92
N SER C 168 -5.26 -3.70 20.81
CA SER C 168 -5.42 -4.58 19.64
C SER C 168 -4.99 -3.90 18.34
N GLY C 169 -3.98 -3.03 18.41
CA GLY C 169 -3.48 -2.37 17.23
C GLY C 169 -4.18 -1.08 16.86
N SER C 170 -5.19 -0.66 17.62
CA SER C 170 -5.86 0.60 17.31
C SER C 170 -5.11 1.80 17.85
N LEU C 171 -4.34 1.61 18.92
CA LEU C 171 -3.53 2.68 19.50
C LEU C 171 -2.10 2.50 19.02
N THR C 172 -1.71 3.32 18.03
CA THR C 172 -0.36 3.27 17.47
C THR C 172 0.40 4.58 17.62
N SER C 173 -0.29 5.72 17.66
CA SER C 173 0.37 7.00 17.79
C SER C 173 0.90 7.18 19.21
N GLY C 174 2.20 7.42 19.34
CA GLY C 174 2.84 7.59 20.61
C GLY C 174 3.51 6.35 21.15
N VAL C 175 3.37 5.22 20.48
CA VAL C 175 3.88 3.95 20.98
C VAL C 175 5.36 3.83 20.64
N HIS C 176 6.17 3.50 21.64
CA HIS C 176 7.56 3.13 21.45
C HIS C 176 7.79 1.79 22.14
N THR C 177 8.08 0.76 21.35
CA THR C 177 8.49 -0.53 21.88
C THR C 177 10.00 -0.63 21.80
N PHE C 178 10.64 -0.82 22.94
CA PHE C 178 12.09 -0.79 22.97
C PHE C 178 12.69 -2.13 22.54
N PRO C 179 13.89 -2.12 21.96
CA PRO C 179 14.57 -3.38 21.67
C PRO C 179 14.84 -4.17 22.93
N ALA C 180 14.76 -5.48 22.81
CA ALA C 180 14.96 -6.35 23.96
C ALA C 180 16.42 -6.33 24.40
N VAL C 181 16.62 -6.52 25.70
CA VAL C 181 17.95 -6.56 26.30
C VAL C 181 18.14 -7.92 26.92
N LEU C 182 19.21 -8.61 26.52
CA LEU C 182 19.55 -9.91 27.08
C LEU C 182 20.06 -9.74 28.49
N GLN C 183 19.39 -10.38 29.45
CA GLN C 183 19.78 -10.27 30.84
C GLN C 183 20.93 -11.25 31.15
N SER C 184 21.58 -11.02 32.30
CA SER C 184 22.62 -11.95 32.73
C SER C 184 22.06 -13.35 32.96
N SER C 185 20.75 -13.45 33.23
CA SER C 185 20.09 -14.74 33.41
C SER C 185 20.03 -15.54 32.11
N GLY C 186 20.32 -14.93 30.97
CA GLY C 186 20.10 -15.55 29.68
C GLY C 186 18.74 -15.29 29.07
N LEU C 187 17.85 -14.63 29.80
CA LEU C 187 16.51 -14.31 29.33
C LEU C 187 16.45 -12.86 28.84
N TYR C 188 15.40 -12.55 28.09
CA TYR C 188 15.21 -11.24 27.50
C TYR C 188 14.17 -10.43 28.26
N SER C 189 14.18 -9.12 28.01
CA SER C 189 13.23 -8.21 28.63
C SER C 189 13.13 -6.94 27.80
N LEU C 190 11.91 -6.41 27.68
CA LEU C 190 11.70 -5.11 27.07
C LEU C 190 10.48 -4.45 27.70
N SER C 191 10.34 -3.15 27.43
CA SER C 191 9.13 -2.41 27.75
C SER C 191 8.56 -1.82 26.48
N SER C 192 7.24 -1.68 26.45
CA SER C 192 6.53 -0.89 25.47
C SER C 192 5.80 0.22 26.23
N VAL C 193 5.97 1.45 25.77
CA VAL C 193 5.37 2.62 26.41
C VAL C 193 4.56 3.39 25.38
N VAL C 194 3.65 4.21 25.87
CA VAL C 194 2.82 5.05 25.02
C VAL C 194 2.40 6.27 25.84
N THR C 195 2.32 7.42 25.19
CA THR C 195 1.89 8.65 25.84
C THR C 195 0.46 8.98 25.43
N VAL C 196 -0.34 9.40 26.41
CA VAL C 196 -1.74 9.74 26.18
C VAL C 196 -2.08 10.97 27.02
N PRO C 197 -3.15 11.67 26.66
CA PRO C 197 -3.54 12.84 27.47
C PRO C 197 -3.95 12.43 28.87
N SER C 198 -3.56 13.25 29.86
CA SER C 198 -4.03 13.05 31.22
C SER C 198 -5.55 13.12 31.32
N SER C 199 -6.23 13.62 30.29
CA SER C 199 -7.69 13.68 30.25
C SER C 199 -8.29 12.36 29.81
N SER C 200 -7.59 11.25 30.05
CA SER C 200 -8.03 9.94 29.59
C SER C 200 -7.98 8.84 30.65
N LEU C 201 -7.22 9.00 31.72
CA LEU C 201 -6.99 7.93 32.67
C LEU C 201 -8.23 7.75 33.54
N GLY C 202 -8.79 6.54 33.54
CA GLY C 202 -10.08 6.30 34.16
C GLY C 202 -11.21 6.61 33.20
N THR C 203 -10.95 7.53 32.28
CA THR C 203 -11.91 7.85 31.23
C THR C 203 -11.97 6.79 30.15
N GLN C 204 -10.87 6.10 29.90
CA GLN C 204 -10.85 5.03 28.90
C GLN C 204 -9.75 4.04 29.27
N THR C 205 -9.76 2.90 28.57
CA THR C 205 -8.96 1.74 28.93
C THR C 205 -7.76 1.59 28.00
N TYR C 206 -6.64 1.18 28.56
CA TYR C 206 -5.42 0.90 27.80
C TYR C 206 -4.96 -0.51 28.12
N VAL C 207 -4.81 -1.34 27.09
CA VAL C 207 -4.42 -2.72 27.21
C VAL C 207 -3.26 -2.98 26.26
N CYS C 208 -2.19 -3.60 26.76
CA CYS C 208 -1.11 -4.04 25.90
C CYS C 208 -1.28 -5.50 25.56
N ASN C 209 -1.03 -5.84 24.29
CA ASN C 209 -1.17 -7.20 23.77
C ASN C 209 0.23 -7.70 23.43
N VAL C 210 0.69 -8.69 24.17
CA VAL C 210 2.03 -9.25 24.03
C VAL C 210 1.93 -10.62 23.38
N ASN C 211 2.52 -10.76 22.19
CA ASN C 211 2.55 -12.03 21.47
C ASN C 211 3.96 -12.61 21.56
N HIS C 212 4.05 -13.88 21.95
CA HIS C 212 5.30 -14.62 22.01
C HIS C 212 5.08 -15.97 21.34
N LYS C 213 5.22 -16.00 20.02
CA LYS C 213 5.01 -17.25 19.30
C LYS C 213 5.88 -18.40 19.71
N PRO C 214 7.14 -18.22 20.10
CA PRO C 214 7.94 -19.39 20.49
C PRO C 214 7.36 -20.17 21.65
N SER C 215 6.86 -19.50 22.68
CA SER C 215 6.22 -20.19 23.78
C SER C 215 4.73 -20.34 23.57
N ASN C 216 4.20 -19.80 22.49
CA ASN C 216 2.78 -19.86 22.30
C ASN C 216 1.88 -19.07 23.15
N THR C 217 2.33 -17.93 23.55
CA THR C 217 1.62 -17.21 24.56
C THR C 217 1.14 -15.93 23.91
N LYS C 218 -0.08 -15.55 24.24
CA LYS C 218 -0.53 -14.20 24.01
C LYS C 218 -1.05 -13.70 25.35
N VAL C 219 -0.54 -12.55 25.79
CA VAL C 219 -0.94 -11.95 27.05
C VAL C 219 -1.57 -10.59 26.76
N ASP C 220 -2.69 -10.32 27.43
CA ASP C 220 -3.28 -8.99 27.44
C ASP C 220 -3.27 -8.50 28.88
N LYS C 221 -2.72 -7.30 29.08
CA LYS C 221 -2.64 -6.70 30.41
C LYS C 221 -3.25 -5.31 30.36
N ARG C 222 -4.34 -5.12 31.08
CA ARG C 222 -4.85 -3.77 31.22
C ARG C 222 -4.01 -3.00 32.22
N VAL C 223 -3.65 -1.78 31.82
CA VAL C 223 -2.76 -0.94 32.60
C VAL C 223 -3.61 0.11 33.29
N GLU C 224 -3.69 0.03 34.61
CA GLU C 224 -4.52 0.92 35.41
C GLU C 224 -3.69 1.67 36.43
N ILE C 225 -4.26 2.76 36.92
CA ILE C 225 -3.57 3.72 37.76
C ILE C 225 -3.47 3.18 39.19
N TYR D 1 33.46 -14.67 -4.41
CA TYR D 1 32.63 -13.78 -3.54
C TYR D 1 32.96 -12.32 -3.82
N VAL D 2 31.92 -11.53 -4.10
CA VAL D 2 32.07 -10.11 -4.37
C VAL D 2 31.80 -9.34 -3.09
N VAL D 3 32.83 -8.69 -2.56
CA VAL D 3 32.69 -7.87 -1.37
C VAL D 3 32.10 -6.51 -1.74
N MET D 4 31.08 -6.09 -1.00
CA MET D 4 30.43 -4.80 -1.18
C MET D 4 30.74 -3.94 0.04
N THR D 5 31.35 -2.78 -0.19
CA THR D 5 31.73 -1.87 0.88
C THR D 5 31.02 -0.53 0.70
N GLN D 6 30.32 -0.10 1.74
CA GLN D 6 29.56 1.14 1.70
C GLN D 6 30.29 2.23 2.47
N SER D 7 29.89 3.48 2.20
CA SER D 7 30.52 4.62 2.85
C SER D 7 29.61 5.83 2.74
N PRO D 8 29.49 6.65 3.80
CA PRO D 8 30.06 6.32 5.13
C PRO D 8 29.15 5.29 5.78
N LEU D 9 29.32 5.04 7.08
CA LEU D 9 28.44 4.16 7.81
C LEU D 9 27.40 4.91 8.64
N SER D 10 27.58 6.21 8.82
CA SER D 10 26.56 7.08 9.40
C SER D 10 26.59 8.42 8.70
N LEU D 11 25.40 9.00 8.51
CA LEU D 11 25.27 10.29 7.87
C LEU D 11 24.22 11.14 8.59
N PRO D 12 24.62 12.15 9.35
CA PRO D 12 23.66 13.16 9.81
C PRO D 12 23.35 14.16 8.69
N ILE D 13 22.08 14.51 8.58
CA ILE D 13 21.60 15.30 7.45
C ILE D 13 20.55 16.29 7.95
N THR D 14 20.68 17.55 7.54
CA THR D 14 19.62 18.49 7.90
C THR D 14 18.48 18.42 6.87
N PRO D 15 17.23 18.50 7.32
CA PRO D 15 16.11 18.25 6.40
C PRO D 15 16.13 19.17 5.19
N GLY D 16 15.57 18.68 4.09
CA GLY D 16 15.55 19.42 2.85
C GLY D 16 16.86 19.44 2.10
N GLN D 17 17.94 18.99 2.69
CA GLN D 17 19.21 18.85 2.00
C GLN D 17 19.26 17.54 1.22
N PRO D 18 20.12 17.44 0.21
CA PRO D 18 20.32 16.16 -0.47
C PRO D 18 21.35 15.31 0.27
N ALA D 19 21.31 14.01 -0.01
CA ALA D 19 22.22 13.05 0.61
C ALA D 19 22.67 12.04 -0.45
N SER D 20 23.90 11.56 -0.30
CA SER D 20 24.47 10.60 -1.23
C SER D 20 25.18 9.50 -0.45
N ILE D 21 24.93 8.26 -0.85
CA ILE D 21 25.56 7.07 -0.28
C ILE D 21 26.30 6.34 -1.40
N SER D 22 27.51 5.88 -1.11
CA SER D 22 28.33 5.20 -2.10
CA SER D 22 28.33 5.20 -2.11
C SER D 22 28.50 3.73 -1.73
N CYS D 23 28.71 2.91 -2.75
CA CYS D 23 28.89 1.47 -2.61
C CYS D 23 29.95 1.03 -3.60
N ARG D 24 30.99 0.36 -3.10
CA ARG D 24 32.07 -0.15 -3.92
C ARG D 24 32.06 -1.67 -3.91
N SER D 25 32.14 -2.27 -5.10
CA SER D 25 32.24 -3.71 -5.25
C SER D 25 33.68 -4.10 -5.56
N SER D 26 34.10 -5.25 -5.04
CA SER D 26 35.46 -5.73 -5.27
C SER D 26 35.64 -6.32 -6.67
N GLN D 27 34.67 -6.14 -7.56
CA GLN D 27 34.64 -6.82 -8.84
C GLN D 27 33.59 -6.13 -9.69
N ARG D 28 33.91 -5.90 -10.97
CA ARG D 28 32.94 -5.32 -11.89
C ARG D 28 31.64 -6.11 -11.86
N LEU D 29 30.52 -5.39 -11.98
CA LEU D 29 29.20 -6.01 -11.82
C LEU D 29 28.43 -6.09 -13.12
N LEU D 30 29.08 -5.86 -14.27
CA LEU D 30 28.41 -6.03 -15.54
C LEU D 30 28.10 -7.51 -15.77
N HIS D 31 26.84 -7.81 -16.08
CA HIS D 31 26.41 -9.17 -16.31
C HIS D 31 26.52 -9.53 -17.78
N SER D 32 26.64 -10.84 -18.03
CA SER D 32 26.65 -11.36 -19.39
C SER D 32 25.51 -10.80 -20.23
N ASP D 33 24.35 -10.54 -19.63
CA ASP D 33 23.18 -10.13 -20.39
C ASP D 33 23.13 -8.62 -20.64
N GLY D 34 24.16 -7.88 -20.25
CA GLY D 34 24.27 -6.47 -20.54
C GLY D 34 23.87 -5.57 -19.39
N ASN D 35 23.08 -6.06 -18.45
CA ASN D 35 22.66 -5.28 -17.30
C ASN D 35 23.71 -5.35 -16.20
N THR D 36 23.60 -4.42 -15.26
CA THR D 36 24.45 -4.37 -14.08
C THR D 36 23.52 -4.48 -12.87
N TYR D 37 23.59 -5.62 -12.17
CA TYR D 37 22.59 -5.96 -11.15
C TYR D 37 23.05 -5.49 -9.78
N LEU D 38 22.95 -4.17 -9.59
CA LEU D 38 23.22 -3.54 -8.30
C LEU D 38 21.95 -2.85 -7.85
N ALA D 39 21.51 -3.15 -6.63
CA ALA D 39 20.25 -2.68 -6.09
C ALA D 39 20.50 -1.90 -4.80
N TRP D 40 19.51 -1.08 -4.43
CA TRP D 40 19.53 -0.32 -3.19
C TRP D 40 18.27 -0.62 -2.40
N TYR D 41 18.44 -0.84 -1.09
CA TYR D 41 17.35 -1.18 -0.20
C TYR D 41 17.33 -0.25 1.00
N GLN D 42 16.14 -0.01 1.53
CA GLN D 42 15.94 0.77 2.75
C GLN D 42 15.26 -0.13 3.77
N GLN D 43 15.84 -0.21 4.97
CA GLN D 43 15.30 -1.04 6.03
C GLN D 43 14.99 -0.19 7.26
N ARG D 44 13.78 -0.32 7.75
CA ARG D 44 13.33 0.26 9.01
C ARG D 44 13.32 -0.80 10.10
N PRO D 45 13.39 -0.38 11.37
CA PRO D 45 13.42 -1.37 12.45
C PRO D 45 12.24 -2.32 12.40
N GLY D 46 12.53 -3.61 12.61
CA GLY D 46 11.50 -4.63 12.62
C GLY D 46 10.85 -4.93 11.30
N GLN D 47 11.39 -4.43 10.19
CA GLN D 47 10.79 -4.59 8.88
C GLN D 47 11.80 -5.23 7.93
N PRO D 48 11.35 -5.92 6.90
CA PRO D 48 12.28 -6.41 5.87
C PRO D 48 12.86 -5.27 5.07
N PRO D 49 14.00 -5.47 4.39
CA PRO D 49 14.46 -4.46 3.44
C PRO D 49 13.40 -4.23 2.37
N ARG D 50 13.29 -2.97 1.93
CA ARG D 50 12.43 -2.57 0.84
C ARG D 50 13.32 -2.03 -0.27
N ARG D 51 13.13 -2.53 -1.48
CA ARG D 51 14.00 -2.10 -2.57
C ARG D 51 13.55 -0.75 -3.11
N LEU D 52 14.50 0.16 -3.24
CA LEU D 52 14.30 1.48 -3.81
C LEU D 52 14.74 1.55 -5.27
N ILE D 53 15.95 1.05 -5.55
CA ILE D 53 16.58 1.13 -6.85
C ILE D 53 17.01 -0.28 -7.25
N TYR D 54 16.95 -0.56 -8.55
CA TYR D 54 17.48 -1.79 -9.12
C TYR D 54 18.12 -1.47 -10.45
N GLU D 55 19.06 -2.33 -10.87
CA GLU D 55 19.81 -2.13 -12.10
C GLU D 55 20.43 -0.72 -12.13
N VAL D 56 21.10 -0.40 -11.02
CA VAL D 56 21.89 0.82 -10.86
C VAL D 56 21.03 2.06 -10.70
N SER D 57 20.02 2.23 -11.57
CA SER D 57 19.28 3.49 -11.56
C SER D 57 17.78 3.38 -11.82
N LYS D 58 17.22 2.19 -11.92
CA LYS D 58 15.78 2.07 -12.13
C LYS D 58 15.05 2.21 -10.80
N LEU D 59 14.04 3.08 -10.75
CA LEU D 59 13.28 3.31 -9.54
C LEU D 59 12.16 2.28 -9.41
N ASP D 60 12.06 1.65 -8.25
CA ASP D 60 10.96 0.73 -8.01
C ASP D 60 9.62 1.47 -7.98
N SER D 61 8.59 0.77 -8.42
CA SER D 61 7.24 1.32 -8.45
C SER D 61 6.84 1.79 -7.06
N GLY D 62 6.37 3.04 -6.98
CA GLY D 62 5.93 3.60 -5.72
C GLY D 62 7.01 4.28 -4.92
N VAL D 63 8.23 4.38 -5.45
CA VAL D 63 9.34 5.02 -4.76
C VAL D 63 9.34 6.51 -5.10
N PRO D 64 9.45 7.39 -4.10
CA PRO D 64 9.46 8.83 -4.41
C PRO D 64 10.58 9.20 -5.39
N ASP D 65 10.28 10.17 -6.25
CA ASP D 65 11.17 10.61 -7.31
C ASP D 65 12.45 11.28 -6.80
N ARG D 66 12.52 11.62 -5.52
CA ARG D 66 13.73 12.23 -4.98
C ARG D 66 14.85 11.22 -4.77
N PHE D 67 14.54 9.92 -4.82
CA PHE D 67 15.57 8.87 -4.83
C PHE D 67 16.05 8.64 -6.25
N SER D 68 17.36 8.51 -6.41
CA SER D 68 17.95 8.20 -7.70
C SER D 68 19.26 7.44 -7.48
N GLY D 69 19.62 6.62 -8.47
CA GLY D 69 20.86 5.87 -8.41
C GLY D 69 21.70 6.12 -9.65
N SER D 70 23.01 5.91 -9.48
CA SER D 70 23.97 6.13 -10.55
C SER D 70 25.19 5.26 -10.30
N GLY D 71 26.01 5.10 -11.34
CA GLY D 71 27.27 4.39 -11.20
C GLY D 71 27.56 3.42 -12.32
N ALA D 72 28.73 2.78 -12.26
CA ALA D 72 29.14 1.82 -13.28
C ALA D 72 30.35 1.04 -12.77
N GLY D 73 30.51 -0.18 -13.28
CA GLY D 73 31.68 -0.97 -12.98
C GLY D 73 31.77 -1.42 -11.54
N THR D 74 32.52 -0.68 -10.73
CA THR D 74 32.66 -0.96 -9.31
C THR D 74 32.28 0.23 -8.43
N ASP D 75 31.62 1.25 -8.99
CA ASP D 75 31.38 2.51 -8.30
C ASP D 75 29.92 2.89 -8.48
N PHE D 76 29.18 2.98 -7.36
CA PHE D 76 27.75 3.23 -7.40
C PHE D 76 27.36 4.18 -6.28
N THR D 77 26.29 4.93 -6.50
CA THR D 77 25.82 5.89 -5.51
C THR D 77 24.30 5.99 -5.50
N LEU D 78 23.73 6.04 -4.30
CA LEU D 78 22.33 6.38 -4.09
C LEU D 78 22.23 7.84 -3.72
N LYS D 79 21.25 8.54 -4.28
CA LYS D 79 21.03 9.94 -3.95
C LYS D 79 19.60 10.18 -3.51
N ILE D 80 19.45 11.01 -2.48
CA ILE D 80 18.20 11.68 -2.15
C ILE D 80 18.41 13.15 -2.44
N SER D 81 17.46 13.75 -3.16
CA SER D 81 17.62 15.14 -3.57
C SER D 81 17.17 16.12 -2.49
N ARG D 82 16.14 15.76 -1.72
CA ARG D 82 15.71 16.58 -0.57
C ARG D 82 15.23 15.60 0.50
N VAL D 83 16.06 15.35 1.51
CA VAL D 83 15.71 14.36 2.52
C VAL D 83 14.48 14.80 3.29
N GLU D 84 13.61 13.85 3.60
CA GLU D 84 12.38 14.08 4.34
C GLU D 84 12.43 13.25 5.62
N ALA D 85 11.55 13.60 6.56
CA ALA D 85 11.61 12.99 7.88
C ALA D 85 11.62 11.46 7.79
N GLU D 86 10.86 10.91 6.85
CA GLU D 86 10.71 9.47 6.72
C GLU D 86 11.92 8.77 6.12
N ASP D 87 12.94 9.51 5.68
CA ASP D 87 14.09 8.88 5.05
C ASP D 87 15.12 8.37 6.04
N VAL D 88 14.85 8.46 7.34
CA VAL D 88 15.72 7.83 8.33
C VAL D 88 15.62 6.32 8.19
N GLY D 89 16.70 5.62 8.50
CA GLY D 89 16.75 4.19 8.38
C GLY D 89 18.15 3.75 7.99
N VAL D 90 18.25 2.47 7.62
CA VAL D 90 19.51 1.87 7.16
C VAL D 90 19.37 1.50 5.69
N TYR D 91 20.35 1.90 4.88
CA TYR D 91 20.33 1.68 3.44
C TYR D 91 21.41 0.67 3.10
N TYR D 92 21.06 -0.31 2.26
CA TYR D 92 21.99 -1.33 1.81
C TYR D 92 22.09 -1.32 0.30
N CYS D 93 23.29 -1.52 -0.21
CA CYS D 93 23.51 -1.92 -1.59
C CYS D 93 23.68 -3.43 -1.65
N GLY D 94 23.31 -4.03 -2.77
CA GLY D 94 23.53 -5.45 -2.99
C GLY D 94 23.72 -5.76 -4.45
N GLN D 95 24.42 -6.85 -4.73
CA GLN D 95 24.70 -7.26 -6.09
C GLN D 95 24.08 -8.62 -6.37
N ASN D 96 23.53 -8.78 -7.58
CA ASN D 96 22.95 -10.04 -8.00
C ASN D 96 23.55 -10.54 -9.31
N THR D 97 24.71 -10.01 -9.70
CA THR D 97 25.39 -10.49 -10.90
C THR D 97 26.09 -11.82 -10.66
N TYR D 98 26.59 -12.07 -9.45
CA TYR D 98 27.27 -13.30 -9.11
C TYR D 98 26.63 -13.99 -7.91
N LEU D 99 26.61 -15.32 -7.96
CA LEU D 99 26.38 -16.05 -6.71
C LEU D 99 27.71 -16.29 -6.01
N PRO D 100 27.78 -16.20 -4.67
CA PRO D 100 26.67 -15.84 -3.76
C PRO D 100 26.27 -14.38 -3.88
N TYR D 101 24.97 -14.10 -3.94
CA TYR D 101 24.53 -12.72 -3.80
C TYR D 101 25.15 -12.14 -2.54
N SER D 102 25.52 -10.87 -2.57
CA SER D 102 26.21 -10.25 -1.45
C SER D 102 25.70 -8.84 -1.24
N PHE D 103 25.94 -8.33 -0.03
CA PHE D 103 25.39 -7.07 0.43
C PHE D 103 26.49 -6.26 1.12
N GLY D 104 26.36 -4.94 1.02
CA GLY D 104 27.16 -4.05 1.83
C GLY D 104 26.74 -4.09 3.30
N GLN D 105 27.51 -3.40 4.12
CA GLN D 105 27.28 -3.40 5.56
C GLN D 105 26.15 -2.47 6.00
N GLY D 106 25.67 -1.61 5.12
CA GLY D 106 24.57 -0.72 5.46
C GLY D 106 25.04 0.64 5.94
N SER D 107 24.26 1.66 5.60
CA SER D 107 24.53 3.04 6.00
C SER D 107 23.29 3.60 6.70
N LYS D 108 23.47 4.05 7.94
CA LYS D 108 22.36 4.58 8.72
C LYS D 108 22.22 6.08 8.48
N VAL D 109 21.07 6.48 7.97
CA VAL D 109 20.77 7.91 7.80
C VAL D 109 20.22 8.45 9.12
N GLU D 110 20.81 9.54 9.59
CA GLU D 110 20.30 10.33 10.71
C GLU D 110 19.85 11.70 10.19
N ILE D 111 18.71 12.17 10.67
CA ILE D 111 18.16 13.45 10.25
C ILE D 111 18.25 14.41 11.43
N LYS D 112 19.02 15.50 11.26
CA LYS D 112 19.20 16.47 12.33
C LYS D 112 17.96 17.34 12.45
N ARG D 113 17.39 17.40 13.64
CA ARG D 113 16.23 18.25 13.91
C ARG D 113 16.55 19.22 15.04
N ALA D 114 15.58 20.07 15.37
CA ALA D 114 15.74 20.97 16.51
C ALA D 114 15.89 20.16 17.80
N VAL D 115 16.78 20.63 18.67
CA VAL D 115 16.98 19.96 19.95
C VAL D 115 15.65 19.88 20.69
N ALA D 116 15.37 18.71 21.25
CA ALA D 116 14.14 18.46 22.01
C ALA D 116 14.52 17.80 23.32
N ALA D 117 14.11 18.41 24.43
CA ALA D 117 14.41 17.82 25.73
C ALA D 117 13.49 16.62 25.98
N PRO D 118 13.97 15.61 26.70
CA PRO D 118 13.14 14.43 26.97
C PRO D 118 12.05 14.75 27.99
N SER D 119 10.86 14.23 27.74
CA SER D 119 9.84 14.07 28.78
C SER D 119 10.22 12.85 29.61
N VAL D 120 10.35 13.04 30.92
CA VAL D 120 10.83 12.00 31.81
C VAL D 120 9.67 11.47 32.64
N PHE D 121 9.59 10.14 32.77
CA PHE D 121 8.59 9.46 33.57
C PHE D 121 9.27 8.37 34.37
N ILE D 122 8.79 8.14 35.59
CA ILE D 122 9.25 7.02 36.40
C ILE D 122 8.05 6.16 36.79
N PHE D 123 8.22 4.85 36.69
CA PHE D 123 7.13 3.90 36.93
C PHE D 123 7.47 3.02 38.12
N PRO D 124 6.74 3.15 39.24
CA PRO D 124 6.97 2.23 40.35
C PRO D 124 6.55 0.83 39.97
N PRO D 125 7.20 -0.20 40.52
CA PRO D 125 6.83 -1.57 40.17
C PRO D 125 5.41 -1.91 40.62
N SER D 126 4.69 -2.59 39.74
CA SER D 126 3.36 -3.08 40.10
C SER D 126 3.45 -3.98 41.33
N GLU D 127 2.34 -4.03 42.07
CA GLU D 127 2.32 -4.75 43.34
C GLU D 127 2.71 -6.22 43.18
N ASP D 128 2.43 -6.82 42.02
CA ASP D 128 2.68 -8.24 41.83
C ASP D 128 4.12 -8.58 41.47
N GLN D 129 4.96 -7.58 41.15
CA GLN D 129 6.39 -7.86 41.04
C GLN D 129 7.01 -8.13 42.40
N VAL D 130 6.49 -7.46 43.43
CA VAL D 130 7.06 -7.47 44.78
C VAL D 130 6.83 -8.82 45.46
N LYS D 131 6.17 -9.75 44.75
CA LYS D 131 5.90 -11.09 45.25
C LYS D 131 6.65 -12.14 44.43
N SER D 132 7.87 -11.84 44.01
CA SER D 132 8.62 -12.86 43.29
C SER D 132 10.06 -12.41 43.11
N GLY D 133 10.81 -13.18 42.34
CA GLY D 133 12.25 -13.05 42.22
C GLY D 133 12.81 -11.65 42.20
N THR D 134 12.58 -10.93 41.11
CA THR D 134 13.17 -9.61 40.92
C THR D 134 12.08 -8.56 40.71
N VAL D 135 12.50 -7.30 40.84
CA VAL D 135 11.63 -6.13 40.76
C VAL D 135 12.30 -5.10 39.88
N SER D 136 11.59 -4.63 38.86
CA SER D 136 12.14 -3.72 37.88
C SER D 136 11.50 -2.35 38.03
N VAL D 137 12.33 -1.34 38.27
CA VAL D 137 11.94 0.07 38.22
C VAL D 137 12.34 0.61 36.85
N VAL D 138 11.41 1.30 36.18
CA VAL D 138 11.61 1.78 34.81
C VAL D 138 11.55 3.31 34.81
N CYS D 139 12.54 3.93 34.16
CA CYS D 139 12.60 5.37 33.93
C CYS D 139 12.58 5.58 32.42
N LEU D 140 11.61 6.35 31.94
CA LEU D 140 11.43 6.60 30.52
C LEU D 140 11.87 8.03 30.18
N LEU D 141 12.66 8.15 29.10
CA LEU D 141 13.00 9.41 28.48
C LEU D 141 12.34 9.41 27.10
N ASN D 142 11.34 10.27 26.90
CA ASN D 142 10.48 10.18 25.73
C ASN D 142 10.70 11.37 24.79
N ASN D 143 10.89 11.05 23.51
CA ASN D 143 10.81 12.00 22.40
C ASN D 143 11.83 13.14 22.55
N PHE D 144 13.10 12.75 22.57
CA PHE D 144 14.17 13.73 22.68
C PHE D 144 15.07 13.68 21.44
N TYR D 145 15.89 14.70 21.32
CA TYR D 145 16.89 14.80 20.27
C TYR D 145 17.97 15.77 20.71
N PRO D 146 19.27 15.44 20.57
CA PRO D 146 19.87 14.24 19.95
C PRO D 146 19.76 13.00 20.81
N ARG D 147 20.46 11.92 20.42
CA ARG D 147 20.34 10.66 21.13
C ARG D 147 21.12 10.63 22.43
N GLU D 148 22.24 11.36 22.53
CA GLU D 148 23.02 11.32 23.75
C GLU D 148 22.19 11.78 24.94
N ALA D 149 22.27 11.04 26.04
CA ALA D 149 21.49 11.31 27.25
C ALA D 149 22.11 10.50 28.37
N SER D 150 22.07 11.06 29.58
CA SER D 150 22.65 10.46 30.77
C SER D 150 21.55 10.22 31.79
N VAL D 151 21.52 9.04 32.38
CA VAL D 151 20.49 8.65 33.33
C VAL D 151 21.16 8.03 34.55
N LYS D 152 20.96 8.65 35.72
CA LYS D 152 21.50 8.20 36.98
C LYS D 152 20.38 7.69 37.88
N TRP D 153 20.61 6.58 38.55
CA TRP D 153 19.68 6.05 39.54
C TRP D 153 20.15 6.41 40.94
N LYS D 154 19.30 7.12 41.68
CA LYS D 154 19.49 7.39 43.09
C LYS D 154 18.52 6.53 43.88
N VAL D 155 19.03 5.78 44.85
CA VAL D 155 18.21 4.95 45.71
C VAL D 155 18.46 5.39 47.15
N ASP D 156 17.41 5.93 47.78
CA ASP D 156 17.54 6.59 49.08
C ASP D 156 18.67 7.62 49.04
N GLY D 157 18.66 8.45 48.01
CA GLY D 157 19.59 9.54 47.88
C GLY D 157 21.01 9.16 47.49
N VAL D 158 21.30 7.88 47.32
CA VAL D 158 22.65 7.42 47.02
C VAL D 158 22.65 6.77 45.64
N LEU D 159 23.61 7.17 44.81
CA LEU D 159 23.77 6.61 43.48
C LEU D 159 23.84 5.09 43.55
N LYS D 160 23.32 4.43 42.51
CA LYS D 160 23.33 2.98 42.45
C LYS D 160 23.91 2.52 41.10
N THR D 161 24.88 1.62 41.17
CA THR D 161 25.65 1.19 40.01
C THR D 161 25.35 -0.26 39.69
N GLY D 162 25.49 -0.60 38.41
CA GLY D 162 25.63 -1.98 37.98
C GLY D 162 24.37 -2.82 37.98
N ASN D 163 23.20 -2.23 38.22
CA ASN D 163 21.96 -3.00 38.18
C ASN D 163 20.93 -2.35 37.25
N SER D 164 21.36 -1.45 36.37
CA SER D 164 20.49 -0.80 35.41
C SER D 164 20.93 -1.14 34.00
N GLN D 165 19.96 -1.21 33.11
CA GLN D 165 20.19 -1.47 31.70
C GLN D 165 19.40 -0.46 30.87
N GLU D 166 20.02 0.05 29.82
CA GLU D 166 19.40 1.01 28.93
C GLU D 166 19.02 0.35 27.61
N SER D 167 18.00 0.90 26.97
CA SER D 167 17.58 0.51 25.64
C SER D 167 17.04 1.76 24.97
N VAL D 168 17.33 1.90 23.68
CA VAL D 168 17.05 3.13 22.93
C VAL D 168 16.38 2.74 21.62
N THR D 169 15.37 3.51 21.24
CA THR D 169 14.76 3.29 19.94
C THR D 169 15.69 3.84 18.86
N GLU D 170 15.40 3.48 17.61
CA GLU D 170 16.00 4.20 16.50
C GLU D 170 15.19 5.48 16.24
N GLN D 171 15.80 6.40 15.48
CA GLN D 171 15.18 7.68 15.23
C GLN D 171 13.80 7.50 14.60
N ASP D 172 12.82 8.21 15.16
CA ASP D 172 11.44 8.07 14.71
C ASP D 172 11.30 8.57 13.29
N SER D 173 10.41 7.92 12.54
CA SER D 173 10.22 8.26 11.14
C SER D 173 9.40 9.54 10.93
N LYS D 174 8.60 9.93 11.91
CA LYS D 174 7.66 11.04 11.75
C LYS D 174 8.06 12.31 12.47
N ASP D 175 8.52 12.23 13.73
CA ASP D 175 9.01 13.41 14.43
C ASP D 175 10.52 13.37 14.65
N ASN D 176 11.20 12.30 14.24
CA ASN D 176 12.67 12.24 14.20
C ASN D 176 13.30 12.35 15.58
N THR D 177 12.57 11.96 16.62
CA THR D 177 13.09 11.96 17.97
C THR D 177 13.46 10.53 18.39
N TYR D 178 14.18 10.44 19.50
CA TYR D 178 14.49 9.16 20.14
C TYR D 178 13.68 9.01 21.43
N SER D 179 13.60 7.78 21.91
CA SER D 179 13.12 7.49 23.25
C SER D 179 14.05 6.44 23.87
N LEU D 180 14.10 6.44 25.20
CA LEU D 180 15.04 5.62 25.94
C LEU D 180 14.41 5.12 27.22
N SER D 181 14.65 3.85 27.53
CA SER D 181 14.29 3.29 28.82
C SER D 181 15.56 2.94 29.59
N SER D 182 15.56 3.22 30.88
CA SER D 182 16.55 2.72 31.82
C SER D 182 15.82 1.93 32.90
N THR D 183 16.16 0.64 33.02
CA THR D 183 15.45 -0.27 33.91
C THR D 183 16.38 -0.72 35.02
N LEU D 184 16.01 -0.43 36.25
CA LEU D 184 16.72 -0.87 37.44
C LEU D 184 16.08 -2.15 37.95
N THR D 185 16.84 -3.23 37.99
CA THR D 185 16.34 -4.54 38.40
C THR D 185 17.04 -4.96 39.68
N LEU D 186 16.25 -5.15 40.74
CA LEU D 186 16.74 -5.56 42.04
C LEU D 186 16.09 -6.88 42.44
N SER D 187 16.73 -7.58 43.38
CA SER D 187 16.11 -8.75 43.96
C SER D 187 14.91 -8.34 44.80
N ASN D 188 14.06 -9.32 45.14
CA ASN D 188 12.84 -9.01 45.87
C ASN D 188 13.15 -8.43 47.24
N THR D 189 14.14 -9.00 47.95
CA THR D 189 14.47 -8.49 49.28
C THR D 189 15.16 -7.14 49.20
N ASP D 190 16.09 -6.98 48.26
CA ASP D 190 16.79 -5.71 48.11
C ASP D 190 15.82 -4.56 47.88
N TYR D 191 14.86 -4.75 46.97
CA TYR D 191 13.88 -3.70 46.72
C TYR D 191 13.18 -3.28 48.00
N GLN D 192 13.03 -4.22 48.95
CA GLN D 192 12.45 -3.88 50.25
C GLN D 192 13.43 -3.10 51.12
N SER D 193 14.73 -3.20 50.85
CA SER D 193 15.72 -2.54 51.70
C SER D 193 15.49 -1.03 51.73
N HIS D 194 15.27 -0.44 50.57
CA HIS D 194 15.27 1.01 50.40
C HIS D 194 13.85 1.54 50.23
N ASN D 195 13.72 2.86 50.36
CA ASN D 195 12.44 3.52 50.39
C ASN D 195 12.18 4.40 49.17
N VAL D 196 13.14 5.22 48.77
CA VAL D 196 12.94 6.23 47.74
C VAL D 196 13.76 5.86 46.52
N TYR D 197 13.12 5.89 45.35
CA TYR D 197 13.76 5.58 44.08
C TYR D 197 13.61 6.78 43.16
N ALA D 198 14.73 7.26 42.63
CA ALA D 198 14.74 8.41 41.74
C ALA D 198 15.67 8.16 40.57
N CYS D 199 15.27 8.62 39.40
CA CYS D 199 16.14 8.66 38.22
C CYS D 199 16.37 10.11 37.85
N GLU D 200 17.63 10.48 37.63
CA GLU D 200 18.03 11.84 37.28
C GLU D 200 18.54 11.83 35.84
N VAL D 201 17.99 12.73 35.02
CA VAL D 201 18.22 12.73 33.59
C VAL D 201 18.97 14.00 33.21
N THR D 202 20.03 13.83 32.43
CA THR D 202 20.81 14.93 31.88
C THR D 202 20.74 14.85 30.37
N HIS D 203 20.54 16.00 29.72
CA HIS D 203 20.42 16.05 28.28
C HIS D 203 20.73 17.47 27.83
N GLN D 204 21.22 17.59 26.59
CA GLN D 204 21.61 18.89 26.05
C GLN D 204 20.46 19.88 26.07
N GLY D 205 19.24 19.41 25.88
CA GLY D 205 18.08 20.27 25.87
C GLY D 205 17.52 20.62 27.24
N LEU D 206 18.15 20.17 28.32
CA LEU D 206 17.67 20.40 29.67
C LEU D 206 18.61 21.38 30.36
N SER D 207 18.07 22.53 30.76
CA SER D 207 18.91 23.58 31.35
C SER D 207 19.50 23.16 32.68
N SER D 208 18.83 22.26 33.39
CA SER D 208 19.33 21.59 34.59
C SER D 208 18.83 20.15 34.53
N PRO D 209 19.45 19.26 35.30
CA PRO D 209 18.96 17.87 35.30
C PRO D 209 17.53 17.79 35.81
N VAL D 210 16.80 16.80 35.29
CA VAL D 210 15.42 16.54 35.67
C VAL D 210 15.40 15.24 36.47
N THR D 211 14.68 15.25 37.60
CA THR D 211 14.61 14.13 38.50
C THR D 211 13.16 13.72 38.69
N LYS D 212 12.88 12.43 38.54
CA LYS D 212 11.59 11.85 38.87
C LYS D 212 11.79 10.80 39.94
N SER D 213 10.87 10.76 40.91
CA SER D 213 11.04 9.94 42.09
C SER D 213 9.68 9.44 42.56
N PHE D 214 9.70 8.32 43.27
CA PHE D 214 8.53 7.85 43.99
C PHE D 214 8.97 7.25 45.33
N ASN D 215 8.01 7.15 46.25
CA ASN D 215 8.20 6.49 47.54
C ASN D 215 7.61 5.10 47.47
N ARG D 216 8.36 4.10 47.93
CA ARG D 216 7.86 2.74 47.93
C ARG D 216 6.62 2.65 48.81
N GLY D 217 5.44 2.49 48.21
CA GLY D 217 4.20 2.41 48.95
C GLY D 217 3.02 2.99 48.19
#